data_4PN1
#
_entry.id   4PN1
#
_cell.length_a   95.603
_cell.length_b   251.542
_cell.length_c   75.397
_cell.angle_alpha   90.00
_cell.angle_beta   90.00
_cell.angle_gamma   90.00
#
_symmetry.space_group_name_H-M   'P 21 21 2'
#
loop_
_entity.id
_entity.type
_entity.pdbx_description
1 polymer 'mRNA-capping enzyme subunit beta'
2 polymer 'Synthetic peptide'
3 non-polymer 'FORMIC ACID'
4 non-polymer 1,2-ETHANEDIOL
5 water water
#
loop_
_entity_poly.entity_id
_entity_poly.type
_entity_poly.pdbx_seq_one_letter_code
_entity_poly.pdbx_strand_id
1 'polypeptide(L)'
;SMDLKGLLHEENELPSIEKRKIDENAVEHDKVERKRTKSVAVPKIEMNFLNKPIVPDTTKVISNFLTHYLITEPVEHVEI
EAKLGTLIDLETQNRFEFPVMNETILNPEFNLRTRFESDMTASEHKYLNEFLNQAFRDSQKPGRLPFAYKHTKQVDLFYE
TEDNSRDKIRVSKNQSDNQVLACVKKRRVADLFLYCPNDAFDIRISISDELPVSMPSGNQQPSLTRLKDRVGYVHQEIKI
DLTKTTQNDPVYDTTERHELEVEFGNIADLRDRAQKAKDGMEAPLFRRVQLFMDNVRILRREHS
;
A,B,C,D
2 'polypeptide(L)' TPAWNSGSRTPAWNSGSK E,F,G,H
#
loop_
_chem_comp.id
_chem_comp.type
_chem_comp.name
_chem_comp.formula
EDO non-polymer 1,2-ETHANEDIOL 'C2 H6 O2'
FMT non-polymer 'FORMIC ACID' 'C H2 O2'
#
# COMPACT_ATOMS: atom_id res chain seq x y z
N LYS A 44 -22.79 28.79 -21.61
CA LYS A 44 -22.53 28.65 -20.18
C LYS A 44 -23.63 27.85 -19.51
N ILE A 45 -23.28 27.16 -18.43
CA ILE A 45 -24.24 26.35 -17.68
C ILE A 45 -24.04 26.57 -16.18
N GLU A 46 -25.14 26.74 -15.45
CA GLU A 46 -25.08 26.89 -14.00
C GLU A 46 -25.69 25.68 -13.30
N MET A 47 -25.17 25.35 -12.11
CA MET A 47 -25.64 24.19 -11.35
C MET A 47 -27.12 24.30 -11.00
N ASN A 48 -27.56 25.53 -10.76
CA ASN A 48 -28.92 25.83 -10.38
C ASN A 48 -29.13 27.33 -10.52
N PHE A 49 -30.34 27.81 -10.25
CA PHE A 49 -30.62 29.23 -10.49
C PHE A 49 -29.92 30.17 -9.49
N LEU A 50 -29.21 29.59 -8.53
CA LEU A 50 -28.40 30.38 -7.61
C LEU A 50 -26.94 30.43 -8.03
N ASN A 51 -26.55 29.46 -8.86
CA ASN A 51 -25.16 29.29 -9.29
C ASN A 51 -24.21 29.09 -8.11
N LYS A 52 -24.73 28.56 -7.02
CA LYS A 52 -23.91 28.16 -5.88
C LYS A 52 -24.29 26.75 -5.44
N PRO A 53 -23.30 25.91 -5.13
CA PRO A 53 -23.56 24.52 -4.79
C PRO A 53 -24.36 24.41 -3.50
N ILE A 54 -25.19 23.39 -3.39
CA ILE A 54 -26.00 23.20 -2.19
C ILE A 54 -25.78 21.84 -1.54
N VAL A 55 -25.87 21.82 -0.22
CA VAL A 55 -25.66 20.61 0.55
C VAL A 55 -26.86 19.67 0.45
N PRO A 56 -26.61 18.41 0.09
CA PRO A 56 -27.67 17.40 0.07
C PRO A 56 -28.26 17.22 1.47
N ASP A 57 -29.50 16.78 1.53
CA ASP A 57 -30.19 16.62 2.81
C ASP A 57 -29.46 15.64 3.72
N THR A 58 -29.00 14.54 3.14
CA THR A 58 -28.31 13.49 3.90
C THR A 58 -26.98 13.98 4.48
N THR A 59 -26.23 14.73 3.69
CA THR A 59 -24.94 15.26 4.12
C THR A 59 -25.09 16.19 5.31
N LYS A 60 -26.12 17.05 5.27
CA LYS A 60 -26.39 18.00 6.35
C LYS A 60 -26.71 17.29 7.65
N VAL A 61 -27.59 16.29 7.59
CA VAL A 61 -28.01 15.55 8.77
C VAL A 61 -26.85 14.80 9.43
N ILE A 62 -26.07 14.08 8.63
CA ILE A 62 -24.89 13.38 9.13
C ILE A 62 -23.89 14.36 9.74
N SER A 63 -23.75 15.53 9.11
CA SER A 63 -22.86 16.57 9.61
C SER A 63 -23.29 17.06 10.99
N ASN A 64 -24.59 17.22 11.18
CA ASN A 64 -25.14 17.57 12.49
C ASN A 64 -24.82 16.49 13.51
N PHE A 65 -24.98 15.24 13.09
CA PHE A 65 -24.72 14.08 13.92
C PHE A 65 -23.27 14.04 14.39
N LEU A 66 -22.34 14.32 13.48
CA LEU A 66 -20.92 14.33 13.81
C LEU A 66 -20.54 15.54 14.65
N THR A 67 -21.12 16.69 14.32
CA THR A 67 -20.83 17.93 15.05
C THR A 67 -21.24 17.81 16.52
N HIS A 68 -22.29 17.04 16.77
CA HIS A 68 -22.79 16.85 18.14
C HIS A 68 -21.77 16.15 19.03
N TYR A 69 -21.18 15.07 18.52
CA TYR A 69 -20.28 14.24 19.31
C TYR A 69 -18.82 14.65 19.16
N LEU A 70 -18.56 15.57 18.23
CA LEU A 70 -17.23 16.14 18.10
C LEU A 70 -17.11 17.44 18.88
N ILE A 71 -18.21 18.20 18.95
CA ILE A 71 -18.18 19.53 19.53
C ILE A 71 -19.10 19.74 20.74
N THR A 72 -20.41 19.63 20.53
CA THR A 72 -21.38 19.98 21.58
C THR A 72 -21.26 19.06 22.80
N GLU A 73 -21.23 17.76 22.56
CA GLU A 73 -21.02 16.79 23.61
C GLU A 73 -19.79 15.95 23.24
N PRO A 74 -18.60 16.57 23.31
CA PRO A 74 -17.39 16.00 22.70
C PRO A 74 -16.94 14.68 23.31
N VAL A 75 -16.55 13.75 22.43
CA VAL A 75 -15.96 12.49 22.84
C VAL A 75 -14.44 12.63 22.76
N GLU A 76 -13.76 12.19 23.81
CA GLU A 76 -12.31 12.34 23.89
C GLU A 76 -11.58 11.55 22.80
N HIS A 77 -11.55 10.23 22.94
CA HIS A 77 -10.87 9.37 21.99
C HIS A 77 -11.87 8.78 21.00
N VAL A 78 -12.45 9.67 20.18
CA VAL A 78 -13.55 9.30 19.31
C VAL A 78 -13.09 8.58 18.03
N GLU A 79 -13.84 7.57 17.63
CA GLU A 79 -13.63 6.90 16.35
C GLU A 79 -14.94 6.94 15.56
N ILE A 80 -14.87 7.39 14.31
CA ILE A 80 -16.08 7.50 13.49
C ILE A 80 -15.98 6.65 12.24
N GLU A 81 -16.59 5.46 12.28
CA GLU A 81 -16.54 4.54 11.14
C GLU A 81 -17.92 4.15 10.66
N ALA A 82 -17.99 3.69 9.42
CA ALA A 82 -19.21 3.14 8.86
C ALA A 82 -18.91 1.73 8.34
N LYS A 83 -19.79 0.79 8.65
CA LYS A 83 -19.63 -0.57 8.17
C LYS A 83 -20.75 -0.99 7.23
N LEU A 84 -20.41 -1.80 6.24
CA LEU A 84 -21.39 -2.38 5.33
C LEU A 84 -22.01 -3.61 5.99
N GLY A 85 -23.32 -3.73 5.90
CA GLY A 85 -23.99 -4.87 6.48
C GLY A 85 -25.43 -5.02 6.05
N THR A 86 -26.23 -5.66 6.89
CA THR A 86 -27.62 -5.90 6.60
C THR A 86 -28.49 -5.41 7.75
N LEU A 87 -29.57 -4.70 7.41
CA LEU A 87 -30.53 -4.26 8.42
C LEU A 87 -31.58 -5.35 8.60
N ILE A 88 -31.61 -5.95 9.78
CA ILE A 88 -32.48 -7.10 10.02
C ILE A 88 -33.73 -6.71 10.80
N ASP A 89 -34.89 -7.09 10.27
CA ASP A 89 -36.16 -6.89 10.96
C ASP A 89 -36.33 -8.00 12.01
N LEU A 90 -36.51 -7.60 13.26
CA LEU A 90 -36.53 -8.55 14.38
C LEU A 90 -37.71 -9.52 14.33
N GLU A 91 -38.76 -9.14 13.59
CA GLU A 91 -39.94 -9.99 13.48
C GLU A 91 -39.76 -11.07 12.41
N THR A 92 -39.42 -10.64 11.20
CA THR A 92 -39.29 -11.56 10.07
C THR A 92 -37.90 -12.21 10.03
N GLN A 93 -36.96 -11.65 10.77
CA GLN A 93 -35.59 -12.15 10.84
C GLN A 93 -34.84 -12.09 9.49
N ASN A 94 -35.46 -11.43 8.51
CA ASN A 94 -34.82 -11.20 7.22
C ASN A 94 -34.35 -9.75 7.11
N ARG A 95 -34.01 -9.33 5.90
CA ARG A 95 -33.57 -7.95 5.70
C ARG A 95 -34.75 -7.01 5.90
N PHE A 96 -34.47 -5.85 6.49
CA PHE A 96 -35.49 -4.84 6.76
C PHE A 96 -36.20 -4.40 5.48
N GLU A 97 -37.50 -4.16 5.57
CA GLU A 97 -38.31 -3.81 4.42
C GLU A 97 -39.01 -2.48 4.68
N PHE A 98 -38.85 -1.54 3.75
CA PHE A 98 -39.34 -0.17 3.96
C PHE A 98 -39.79 0.45 2.65
N PRO A 99 -40.99 1.04 2.63
CA PRO A 99 -41.58 1.60 1.40
C PRO A 99 -40.90 2.89 0.91
N VAL A 100 -39.57 2.88 0.85
CA VAL A 100 -38.81 4.00 0.30
C VAL A 100 -38.01 3.50 -0.90
N MET A 101 -37.55 4.42 -1.74
CA MET A 101 -36.87 4.02 -2.98
C MET A 101 -35.45 4.56 -3.11
N ASN A 102 -34.86 5.00 -2.02
CA ASN A 102 -33.51 5.56 -2.04
C ASN A 102 -32.82 5.49 -0.69
N GLU A 103 -31.51 5.71 -0.68
CA GLU A 103 -30.71 5.73 0.53
C GLU A 103 -31.32 6.71 1.52
N THR A 104 -31.83 6.18 2.64
CA THR A 104 -32.51 7.02 3.61
C THR A 104 -32.05 6.74 5.05
N ILE A 105 -31.80 7.82 5.79
CA ILE A 105 -31.44 7.71 7.20
C ILE A 105 -32.69 7.37 8.01
N LEU A 106 -32.55 6.44 8.94
CA LEU A 106 -33.66 6.10 9.83
C LEU A 106 -33.61 6.95 11.09
N ASN A 107 -34.78 7.43 11.54
CA ASN A 107 -34.86 8.22 12.75
C ASN A 107 -34.67 7.35 13.99
N PRO A 108 -33.57 7.58 14.73
CA PRO A 108 -33.22 6.76 15.89
C PRO A 108 -34.18 6.92 17.06
N GLU A 109 -35.03 7.94 17.02
CA GLU A 109 -35.98 8.19 18.12
C GLU A 109 -37.20 7.27 18.05
N PHE A 110 -37.35 6.57 16.93
CA PHE A 110 -38.43 5.61 16.78
C PHE A 110 -37.92 4.20 17.08
N ASN A 111 -38.81 3.33 17.53
CA ASN A 111 -38.49 1.92 17.77
C ASN A 111 -38.95 1.06 16.59
N LEU A 112 -38.03 0.78 15.67
CA LEU A 112 -38.36 0.09 14.42
C LEU A 112 -38.25 -1.44 14.48
N ARG A 113 -37.93 -1.99 15.65
CA ARG A 113 -37.69 -3.42 15.80
C ARG A 113 -36.67 -3.92 14.78
N THR A 114 -35.44 -3.42 14.90
CA THR A 114 -34.42 -3.72 13.90
C THR A 114 -33.03 -3.93 14.53
N ARG A 115 -32.24 -4.78 13.90
CA ARG A 115 -30.85 -4.99 14.31
C ARG A 115 -29.96 -4.99 13.08
N PHE A 116 -28.68 -4.69 13.28
CA PHE A 116 -27.74 -4.58 12.17
C PHE A 116 -26.70 -5.69 12.20
N GLU A 117 -26.55 -6.37 11.07
CA GLU A 117 -25.57 -7.43 10.93
C GLU A 117 -24.36 -6.99 10.13
N SER A 118 -23.24 -6.77 10.82
CA SER A 118 -22.01 -6.40 10.14
C SER A 118 -21.29 -7.65 9.63
N ASP A 119 -21.67 -8.09 8.43
CA ASP A 119 -21.12 -9.30 7.85
C ASP A 119 -21.48 -9.39 6.37
N MET A 120 -20.76 -10.22 5.64
CA MET A 120 -21.08 -10.51 4.25
C MET A 120 -20.49 -11.86 3.85
N THR A 121 -20.88 -12.37 2.70
CA THR A 121 -20.36 -13.65 2.22
C THR A 121 -18.92 -13.47 1.76
N ALA A 122 -18.14 -14.55 1.82
CA ALA A 122 -16.75 -14.50 1.40
C ALA A 122 -16.61 -14.14 -0.08
N SER A 123 -17.62 -14.49 -0.87
CA SER A 123 -17.67 -14.13 -2.28
C SER A 123 -17.88 -12.62 -2.46
N GLU A 124 -18.73 -12.04 -1.62
CA GLU A 124 -18.95 -10.60 -1.64
C GLU A 124 -17.69 -9.86 -1.20
N HIS A 125 -17.01 -10.43 -0.21
CA HIS A 125 -15.79 -9.84 0.31
C HIS A 125 -14.68 -9.85 -0.75
N LYS A 126 -14.60 -10.95 -1.51
CA LYS A 126 -13.58 -11.09 -2.54
C LYS A 126 -13.84 -10.16 -3.72
N TYR A 127 -15.11 -9.93 -4.02
CA TYR A 127 -15.50 -9.03 -5.10
C TYR A 127 -15.02 -7.62 -4.78
N LEU A 128 -15.30 -7.17 -3.56
CA LEU A 128 -14.85 -5.85 -3.10
C LEU A 128 -13.32 -5.77 -3.03
N ASN A 129 -12.68 -6.89 -2.67
CA ASN A 129 -11.24 -6.92 -2.57
C ASN A 129 -10.56 -6.72 -3.92
N GLU A 130 -11.15 -7.28 -4.96
CA GLU A 130 -10.65 -7.10 -6.32
C GLU A 130 -10.94 -5.68 -6.82
N PHE A 131 -12.08 -5.14 -6.42
CA PHE A 131 -12.47 -3.78 -6.83
C PHE A 131 -11.56 -2.74 -6.21
N LEU A 132 -11.33 -2.86 -4.90
CA LEU A 132 -10.44 -1.94 -4.20
C LEU A 132 -9.01 -2.05 -4.72
N ASN A 133 -8.60 -3.25 -5.12
CA ASN A 133 -7.28 -3.43 -5.70
C ASN A 133 -7.14 -2.72 -7.05
N GLN A 134 -8.18 -2.80 -7.87
CA GLN A 134 -8.17 -2.11 -9.15
C GLN A 134 -8.17 -0.61 -8.93
N ALA A 135 -8.95 -0.15 -7.95
CA ALA A 135 -8.98 1.26 -7.58
C ALA A 135 -7.63 1.68 -7.01
N PHE A 136 -7.00 0.77 -6.29
CA PHE A 136 -5.66 1.01 -5.73
C PHE A 136 -4.63 1.22 -6.83
N ARG A 137 -4.63 0.32 -7.82
CA ARG A 137 -3.68 0.39 -8.92
C ARG A 137 -3.90 1.63 -9.80
N ASP A 138 -5.16 1.96 -10.05
CA ASP A 138 -5.49 3.11 -10.87
C ASP A 138 -5.05 4.43 -10.25
N SER A 139 -5.04 4.49 -8.93
CA SER A 139 -4.72 5.74 -8.22
C SER A 139 -3.22 6.03 -8.24
N GLN A 140 -2.43 5.08 -8.72
CA GLN A 140 -0.99 5.26 -8.79
C GLN A 140 -0.59 5.90 -10.11
N LYS A 141 -1.54 5.95 -11.04
CA LYS A 141 -1.33 6.57 -12.34
C LYS A 141 -1.05 8.06 -12.20
N PRO A 142 -0.41 8.66 -13.23
CA PRO A 142 -0.15 10.11 -13.24
C PRO A 142 -1.42 10.94 -13.05
N GLY A 143 -1.29 12.06 -12.33
CA GLY A 143 -2.40 12.98 -12.15
C GLY A 143 -3.40 12.57 -11.09
N ARG A 144 -3.12 11.48 -10.39
CA ARG A 144 -4.02 10.97 -9.36
C ARG A 144 -3.45 11.19 -7.96
N LEU A 145 -4.36 11.36 -6.99
CA LEU A 145 -3.98 11.31 -5.59
C LEU A 145 -3.95 9.84 -5.17
N PRO A 146 -2.75 9.31 -4.89
CA PRO A 146 -2.54 7.87 -4.72
C PRO A 146 -3.11 7.27 -3.43
N PHE A 147 -3.36 5.97 -3.49
CA PHE A 147 -3.78 5.20 -2.33
C PHE A 147 -2.58 4.81 -1.48
N ALA A 148 -2.83 4.54 -0.21
CA ALA A 148 -1.81 3.91 0.64
C ALA A 148 -2.31 2.52 1.00
N TYR A 149 -1.39 1.64 1.39
CA TYR A 149 -1.76 0.26 1.71
C TYR A 149 -1.09 -0.20 3.01
N LYS A 150 -1.80 -1.04 3.76
CA LYS A 150 -1.31 -1.53 5.04
C LYS A 150 -2.05 -2.81 5.40
N HIS A 151 -1.35 -3.93 5.39
CA HIS A 151 -1.95 -5.22 5.67
C HIS A 151 -1.53 -5.71 7.05
N THR A 152 -2.49 -5.81 7.96
CA THR A 152 -2.22 -6.21 9.33
C THR A 152 -2.81 -7.57 9.66
N LYS A 153 -2.02 -8.43 10.29
CA LYS A 153 -2.51 -9.72 10.77
C LYS A 153 -2.37 -9.78 12.29
N GLN A 154 -3.50 -9.67 12.99
CA GLN A 154 -3.48 -9.45 14.43
C GLN A 154 -4.26 -10.48 15.26
N VAL A 155 -4.02 -10.45 16.57
CA VAL A 155 -4.74 -11.29 17.52
C VAL A 155 -5.49 -10.43 18.53
N ASP A 156 -6.79 -10.65 18.65
CA ASP A 156 -7.60 -9.92 19.63
C ASP A 156 -7.80 -10.74 20.90
N LEU A 157 -7.38 -10.19 22.02
CA LEU A 157 -7.55 -10.85 23.32
C LEU A 157 -8.35 -9.96 24.28
N PHE A 158 -9.47 -10.50 24.78
CA PHE A 158 -10.37 -9.73 25.63
C PHE A 158 -10.24 -10.11 27.10
N TYR A 159 -10.04 -9.12 27.95
CA TYR A 159 -9.83 -9.35 29.37
C TYR A 159 -10.95 -8.78 30.24
N GLU A 160 -11.02 -9.24 31.48
CA GLU A 160 -12.03 -8.79 32.43
C GLU A 160 -11.54 -7.60 33.25
N THR A 161 -12.49 -6.88 33.82
CA THR A 161 -12.19 -5.77 34.70
C THR A 161 -12.85 -6.01 36.06
N GLU A 162 -12.78 -5.00 36.92
CA GLU A 162 -13.31 -5.12 38.27
C GLU A 162 -14.77 -4.69 38.33
N ASP A 163 -15.03 -3.42 37.98
CA ASP A 163 -16.40 -2.92 37.92
C ASP A 163 -17.02 -3.33 36.59
N ASN A 164 -17.70 -4.48 36.59
CA ASN A 164 -18.27 -5.03 35.37
C ASN A 164 -19.70 -4.57 35.13
N ASP A 167 -17.01 -2.81 30.46
CA ASP A 167 -16.50 -3.97 31.19
C ASP A 167 -15.68 -4.89 30.28
N LYS A 168 -14.90 -4.29 29.39
CA LYS A 168 -14.12 -5.06 28.43
C LYS A 168 -12.77 -4.40 28.18
N ILE A 169 -11.73 -5.21 28.07
CA ILE A 169 -10.42 -4.70 27.66
C ILE A 169 -9.92 -5.48 26.45
N ARG A 170 -9.79 -4.81 25.32
CA ARG A 170 -9.28 -5.46 24.12
C ARG A 170 -7.78 -5.21 23.96
N VAL A 171 -7.02 -6.29 23.89
CA VAL A 171 -5.59 -6.21 23.62
C VAL A 171 -5.29 -6.80 22.25
N SER A 172 -4.88 -5.95 21.32
CA SER A 172 -4.53 -6.41 19.99
C SER A 172 -3.02 -6.61 19.88
N LYS A 173 -2.61 -7.66 19.17
CA LYS A 173 -1.20 -7.99 19.02
C LYS A 173 -0.91 -8.54 17.64
N ASN A 174 0.35 -8.46 17.20
CA ASN A 174 0.75 -9.06 15.94
C ASN A 174 0.72 -10.58 16.05
N GLN A 175 0.35 -11.26 14.97
CA GLN A 175 0.42 -12.70 14.94
C GLN A 175 1.87 -13.14 14.78
N SER A 176 2.66 -12.25 14.15
CA SER A 176 4.06 -12.53 13.88
C SER A 176 4.92 -12.51 15.14
N ASP A 177 5.22 -11.31 15.64
CA ASP A 177 6.12 -11.15 16.77
C ASP A 177 5.41 -10.97 18.11
N ASN A 178 4.10 -11.11 18.11
CA ASN A 178 3.28 -11.02 19.32
C ASN A 178 3.40 -9.68 20.05
N GLN A 179 3.84 -8.66 19.34
CA GLN A 179 4.05 -7.33 19.93
C GLN A 179 2.73 -6.56 20.01
N VAL A 180 2.48 -5.94 21.16
CA VAL A 180 1.23 -5.22 21.41
C VAL A 180 0.98 -4.11 20.40
N LEU A 181 -0.21 -4.12 19.81
CA LEU A 181 -0.59 -3.15 18.80
C LEU A 181 -1.50 -2.08 19.40
N ALA A 182 -2.35 -2.51 20.33
CA ALA A 182 -3.31 -1.61 20.97
C ALA A 182 -3.82 -2.25 22.26
N CYS A 183 -4.21 -1.40 23.21
CA CYS A 183 -4.79 -1.87 24.46
C CYS A 183 -5.83 -0.85 24.94
N VAL A 184 -7.09 -1.08 24.58
CA VAL A 184 -8.12 -0.07 24.78
C VAL A 184 -9.36 -0.61 25.48
N LYS A 185 -10.22 0.32 25.89
CA LYS A 185 -11.56 0.00 26.35
C LYS A 185 -12.55 0.79 25.49
N LYS A 186 -13.09 0.13 24.48
CA LYS A 186 -13.94 0.80 23.49
C LYS A 186 -15.40 0.70 23.86
N ARG A 187 -16.08 1.85 23.86
CA ARG A 187 -17.50 1.92 24.20
C ARG A 187 -18.31 2.55 23.06
N ARG A 188 -19.41 1.91 22.70
CA ARG A 188 -20.28 2.45 21.66
C ARG A 188 -21.06 3.64 22.20
N VAL A 189 -21.07 4.74 21.44
CA VAL A 189 -21.71 5.97 21.88
C VAL A 189 -23.02 6.24 21.15
N ALA A 190 -22.98 6.25 19.82
CA ALA A 190 -24.17 6.53 19.04
C ALA A 190 -24.16 5.80 17.70
N ASP A 191 -25.34 5.42 17.24
CA ASP A 191 -25.48 4.74 15.96
C ASP A 191 -26.45 5.47 15.04
N LEU A 192 -26.27 5.29 13.74
CA LEU A 192 -27.13 5.91 12.74
C LEU A 192 -27.18 5.02 11.52
N PHE A 193 -28.34 4.45 11.24
CA PHE A 193 -28.49 3.47 10.16
C PHE A 193 -29.06 4.11 8.91
N LEU A 194 -28.55 3.66 7.75
CA LEU A 194 -29.08 4.10 6.47
C LEU A 194 -29.59 2.92 5.66
N TYR A 195 -30.90 2.88 5.47
CA TYR A 195 -31.52 1.83 4.67
C TYR A 195 -31.31 2.12 3.18
N CYS A 196 -30.75 1.15 2.48
CA CYS A 196 -30.38 1.34 1.07
C CYS A 196 -30.99 0.27 0.18
N PRO A 197 -32.25 0.48 -0.23
CA PRO A 197 -33.04 -0.52 -0.96
C PRO A 197 -32.48 -0.93 -2.32
N ASN A 198 -31.76 -0.05 -3.00
CA ASN A 198 -31.25 -0.36 -4.34
C ASN A 198 -29.93 -1.14 -4.34
N ASP A 199 -29.40 -1.39 -3.14
CA ASP A 199 -28.11 -2.06 -3.01
C ASP A 199 -28.20 -3.31 -2.15
N ALA A 200 -27.13 -4.09 -2.15
CA ALA A 200 -27.10 -5.35 -1.40
C ALA A 200 -26.77 -5.12 0.08
N PHE A 201 -26.27 -3.93 0.39
CA PHE A 201 -25.84 -3.62 1.75
C PHE A 201 -26.60 -2.45 2.36
N ASP A 202 -26.60 -2.37 3.68
CA ASP A 202 -27.08 -1.21 4.41
C ASP A 202 -25.91 -0.67 5.24
N ILE A 203 -25.98 0.60 5.62
CA ILE A 203 -24.85 1.25 6.29
C ILE A 203 -25.14 1.58 7.75
N ARG A 204 -24.14 1.38 8.60
CA ARG A 204 -24.23 1.78 10.00
C ARG A 204 -23.07 2.70 10.37
N ILE A 205 -23.36 4.00 10.46
CA ILE A 205 -22.34 4.96 10.91
C ILE A 205 -22.25 4.89 12.43
N SER A 206 -21.04 4.69 12.93
CA SER A 206 -20.84 4.49 14.36
C SER A 206 -19.90 5.50 14.98
N ILE A 207 -20.28 5.97 16.16
CA ILE A 207 -19.40 6.82 16.95
C ILE A 207 -19.05 6.08 18.24
N SER A 208 -17.76 5.87 18.46
CA SER A 208 -17.29 5.11 19.60
C SER A 208 -16.26 5.89 20.39
N ASP A 209 -16.12 5.53 21.67
CA ASP A 209 -15.09 6.10 22.53
C ASP A 209 -14.06 5.02 22.83
N GLU A 210 -12.89 5.13 22.25
CA GLU A 210 -11.86 4.11 22.36
C GLU A 210 -10.73 4.56 23.29
N LEU A 211 -10.92 4.32 24.59
CA LEU A 211 -10.00 4.80 25.61
C LEU A 211 -8.79 3.89 25.81
N PRO A 212 -7.58 4.41 25.55
CA PRO A 212 -6.34 3.69 25.83
C PRO A 212 -6.19 3.43 27.32
N VAL A 213 -5.98 2.17 27.68
CA VAL A 213 -5.97 1.76 29.08
C VAL A 213 -4.67 1.01 29.40
N SER A 214 -4.39 0.80 30.68
CA SER A 214 -3.19 0.09 31.09
C SER A 214 -3.32 -1.42 30.87
N MET A 215 -2.21 -2.05 30.48
CA MET A 215 -2.18 -3.47 30.20
C MET A 215 -2.60 -4.33 31.40
N PRO A 216 -3.33 -5.41 31.12
CA PRO A 216 -3.70 -6.40 32.15
C PRO A 216 -2.47 -7.17 32.63
N SER A 217 -2.50 -7.62 33.88
CA SER A 217 -1.41 -8.42 34.43
C SER A 217 -1.27 -9.72 33.64
N GLY A 218 -0.03 -10.16 33.43
CA GLY A 218 0.24 -11.35 32.65
C GLY A 218 -0.27 -12.65 33.28
N ASN A 219 -0.88 -12.54 34.45
CA ASN A 219 -1.37 -13.70 35.18
C ASN A 219 -2.89 -13.83 35.20
N GLN A 220 -3.58 -12.94 34.48
CA GLN A 220 -5.03 -13.08 34.32
C GLN A 220 -5.38 -13.49 32.90
N GLN A 221 -6.28 -14.46 32.78
CA GLN A 221 -6.60 -15.09 31.50
C GLN A 221 -7.64 -14.30 30.70
N PRO A 222 -7.44 -14.22 29.37
CA PRO A 222 -8.44 -13.60 28.48
C PRO A 222 -9.75 -14.38 28.42
N SER A 223 -10.86 -13.66 28.35
CA SER A 223 -12.18 -14.27 28.26
C SER A 223 -12.50 -14.70 26.84
N LEU A 224 -11.83 -14.08 25.87
CA LEU A 224 -12.05 -14.40 24.46
C LEU A 224 -10.79 -14.13 23.64
N THR A 225 -10.56 -14.98 22.65
CA THR A 225 -9.39 -14.88 21.78
C THR A 225 -9.77 -15.19 20.33
N ARG A 226 -9.50 -14.25 19.44
CA ARG A 226 -9.83 -14.42 18.03
C ARG A 226 -8.75 -13.83 17.13
N LEU A 227 -8.76 -14.23 15.85
CA LEU A 227 -7.79 -13.72 14.89
C LEU A 227 -8.44 -12.70 13.96
N LYS A 228 -7.64 -11.75 13.48
CA LYS A 228 -8.17 -10.71 12.61
C LYS A 228 -7.21 -10.31 11.48
N ASP A 229 -7.68 -10.49 10.24
CA ASP A 229 -6.92 -10.10 9.07
C ASP A 229 -7.45 -8.77 8.57
N ARG A 230 -6.58 -7.76 8.48
CA ARG A 230 -7.00 -6.40 8.17
C ARG A 230 -6.26 -5.82 6.98
N VAL A 231 -6.98 -5.61 5.87
CA VAL A 231 -6.41 -5.02 4.66
C VAL A 231 -6.82 -3.56 4.52
N GLY A 232 -5.93 -2.65 4.92
CA GLY A 232 -6.25 -1.24 4.96
C GLY A 232 -5.82 -0.44 3.74
N TYR A 233 -6.80 0.20 3.09
CA TYR A 233 -6.52 1.16 2.03
C TYR A 233 -6.77 2.56 2.58
N VAL A 234 -5.92 3.51 2.20
CA VAL A 234 -6.12 4.90 2.60
C VAL A 234 -6.10 5.82 1.38
N HIS A 235 -7.09 6.69 1.29
CA HIS A 235 -7.13 7.68 0.22
C HIS A 235 -7.64 9.01 0.77
N GLN A 236 -6.78 10.02 0.75
CA GLN A 236 -7.10 11.33 1.32
C GLN A 236 -7.51 11.22 2.79
N GLU A 237 -6.77 10.41 3.53
CA GLU A 237 -6.99 10.19 4.96
C GLU A 237 -8.36 9.56 5.29
N ILE A 238 -9.00 8.96 4.29
CA ILE A 238 -10.21 8.18 4.53
C ILE A 238 -9.85 6.70 4.56
N LYS A 239 -9.89 6.10 5.74
CA LYS A 239 -9.46 4.71 5.92
C LYS A 239 -10.52 3.70 5.50
N ILE A 240 -10.20 2.91 4.46
CA ILE A 240 -11.07 1.82 4.02
C ILE A 240 -10.46 0.49 4.43
N ASP A 241 -10.99 -0.10 5.50
CA ASP A 241 -10.48 -1.38 5.99
C ASP A 241 -11.35 -2.57 5.60
N LEU A 242 -10.70 -3.59 5.04
CA LEU A 242 -11.37 -4.82 4.65
C LEU A 242 -10.92 -5.91 5.61
N THR A 243 -11.78 -6.28 6.55
CA THR A 243 -11.39 -7.19 7.62
C THR A 243 -12.05 -8.56 7.57
N LYS A 244 -11.35 -9.54 8.14
CA LYS A 244 -11.83 -10.91 8.20
C LYS A 244 -11.55 -11.46 9.59
N THR A 245 -12.60 -11.85 10.30
CA THR A 245 -12.46 -12.27 11.69
C THR A 245 -12.72 -13.76 11.89
N THR A 246 -11.70 -14.45 12.41
CA THR A 246 -11.74 -15.89 12.59
C THR A 246 -11.78 -16.26 14.07
N GLN A 247 -12.82 -16.99 14.48
CA GLN A 247 -12.97 -17.35 15.89
C GLN A 247 -13.15 -18.86 16.10
N ASN A 248 -12.28 -19.44 16.93
CA ASN A 248 -12.36 -20.85 17.26
C ASN A 248 -13.49 -21.15 18.22
N ASP A 249 -13.86 -22.43 18.31
CA ASP A 249 -14.83 -22.89 19.28
C ASP A 249 -14.49 -24.33 19.70
N PRO A 250 -14.66 -24.64 20.99
CA PRO A 250 -14.42 -25.98 21.53
C PRO A 250 -15.38 -27.02 20.98
N VAL A 251 -16.50 -26.56 20.43
CA VAL A 251 -17.57 -27.47 20.01
C VAL A 251 -17.93 -27.29 18.55
N TYR A 252 -18.24 -26.05 18.18
CA TYR A 252 -18.73 -25.76 16.84
C TYR A 252 -17.62 -25.39 15.86
N ASP A 253 -17.93 -25.46 14.58
CA ASP A 253 -16.96 -25.16 13.53
C ASP A 253 -16.47 -23.72 13.64
N THR A 254 -15.21 -23.50 13.27
CA THR A 254 -14.62 -22.18 13.25
C THR A 254 -15.40 -21.28 12.28
N THR A 255 -15.74 -20.08 12.73
CA THR A 255 -16.50 -19.15 11.91
C THR A 255 -15.62 -18.04 11.35
N GLU A 256 -16.07 -17.47 10.23
CA GLU A 256 -15.35 -16.36 9.60
C GLU A 256 -16.30 -15.22 9.25
N ARG A 257 -16.10 -14.08 9.92
CA ARG A 257 -16.89 -12.89 9.64
C ARG A 257 -16.15 -11.96 8.67
N HIS A 258 -16.82 -11.58 7.58
CA HIS A 258 -16.24 -10.73 6.56
C HIS A 258 -16.85 -9.33 6.60
N GLU A 259 -16.04 -8.34 6.93
CA GLU A 259 -16.55 -6.97 7.08
C GLU A 259 -15.84 -5.94 6.19
N LEU A 260 -16.46 -4.78 6.04
CA LEU A 260 -15.84 -3.63 5.40
C LEU A 260 -16.14 -2.39 6.22
N GLU A 261 -15.10 -1.64 6.57
CA GLU A 261 -15.29 -0.40 7.31
C GLU A 261 -14.60 0.80 6.67
N VAL A 262 -15.37 1.88 6.55
CA VAL A 262 -14.85 3.16 6.08
C VAL A 262 -14.82 4.11 7.28
N GLU A 263 -13.67 4.73 7.54
CA GLU A 263 -13.58 5.65 8.67
C GLU A 263 -12.70 6.87 8.44
N PHE A 264 -12.98 7.93 9.21
CA PHE A 264 -12.18 9.15 9.17
C PHE A 264 -10.83 8.91 9.85
N GLY A 265 -9.75 9.09 9.09
CA GLY A 265 -8.41 8.87 9.60
C GLY A 265 -7.81 10.07 10.30
N ASN A 266 -8.36 11.25 10.02
CA ASN A 266 -7.86 12.48 10.62
C ASN A 266 -8.91 13.16 11.50
N ILE A 267 -9.07 12.65 12.71
CA ILE A 267 -10.10 13.15 13.62
C ILE A 267 -9.84 14.59 14.07
N ALA A 268 -8.57 14.91 14.31
CA ALA A 268 -8.19 16.26 14.74
C ALA A 268 -8.59 17.31 13.71
N ASP A 269 -8.34 17.03 12.44
CA ASP A 269 -8.70 17.93 11.37
C ASP A 269 -10.22 18.00 11.19
N LEU A 270 -10.88 16.84 11.36
CA LEU A 270 -12.33 16.78 11.25
C LEU A 270 -12.99 17.57 12.38
N ARG A 271 -12.41 17.49 13.57
CA ARG A 271 -12.89 18.24 14.72
C ARG A 271 -12.82 19.73 14.43
N ASP A 272 -11.74 20.14 13.77
CA ASP A 272 -11.54 21.53 13.39
C ASP A 272 -12.63 21.98 12.42
N ARG A 273 -12.91 21.16 11.43
CA ARG A 273 -13.96 21.45 10.44
C ARG A 273 -15.33 21.57 11.10
N ALA A 274 -15.55 20.76 12.13
CA ALA A 274 -16.84 20.75 12.84
C ALA A 274 -17.01 22.00 13.70
N GLN A 275 -15.93 22.42 14.34
CA GLN A 275 -15.95 23.62 15.17
C GLN A 275 -16.29 24.84 14.33
N LYS A 276 -15.75 24.87 13.11
CA LYS A 276 -16.04 25.94 12.16
C LYS A 276 -17.51 25.93 11.75
N ALA A 277 -18.04 24.72 11.55
CA ALA A 277 -19.44 24.55 11.14
C ALA A 277 -20.39 25.09 12.20
N LYS A 278 -20.05 24.84 13.46
CA LYS A 278 -20.84 25.33 14.59
C LYS A 278 -20.78 26.85 14.65
N ASP A 279 -19.76 27.43 14.02
CA ASP A 279 -19.54 28.86 14.05
C ASP A 279 -19.86 29.56 12.71
N GLY A 280 -20.61 28.87 11.85
CA GLY A 280 -21.05 29.47 10.60
C GLY A 280 -20.38 28.91 9.36
N MET A 281 -19.06 28.77 9.41
CA MET A 281 -18.30 28.23 8.29
C MET A 281 -18.45 26.70 8.22
N GLU A 282 -19.50 26.24 7.55
CA GLU A 282 -19.82 24.81 7.54
C GLU A 282 -19.45 24.10 6.24
N ALA A 283 -19.01 24.85 5.24
CA ALA A 283 -18.58 24.27 3.97
C ALA A 283 -17.47 23.22 4.05
N PRO A 284 -16.40 23.47 4.84
CA PRO A 284 -15.35 22.44 4.91
C PRO A 284 -15.81 21.12 5.51
N LEU A 285 -16.74 21.16 6.47
CA LEU A 285 -17.26 19.93 7.07
C LEU A 285 -18.13 19.17 6.08
N PHE A 286 -18.95 19.90 5.34
CA PHE A 286 -19.83 19.30 4.33
C PHE A 286 -19.01 18.60 3.25
N ARG A 287 -17.94 19.26 2.82
CA ARG A 287 -17.06 18.73 1.79
C ARG A 287 -16.45 17.41 2.26
N ARG A 288 -16.07 17.38 3.54
CA ARG A 288 -15.42 16.21 4.12
C ARG A 288 -16.39 15.04 4.31
N VAL A 289 -17.58 15.35 4.84
CA VAL A 289 -18.60 14.33 5.06
C VAL A 289 -19.11 13.80 3.72
N GLN A 290 -19.22 14.69 2.73
CA GLN A 290 -19.64 14.30 1.39
C GLN A 290 -18.67 13.28 0.80
N LEU A 291 -17.37 13.50 1.02
CA LEU A 291 -16.35 12.59 0.53
C LEU A 291 -16.47 11.22 1.18
N PHE A 292 -16.62 11.22 2.50
CA PHE A 292 -16.81 10.00 3.27
C PHE A 292 -17.98 9.20 2.73
N MET A 293 -19.13 9.84 2.64
CA MET A 293 -20.35 9.18 2.16
C MET A 293 -20.25 8.71 0.72
N ASP A 294 -19.59 9.50 -0.12
CA ASP A 294 -19.43 9.13 -1.52
C ASP A 294 -18.57 7.89 -1.71
N ASN A 295 -17.53 7.76 -0.88
CA ASN A 295 -16.72 6.55 -0.89
C ASN A 295 -17.51 5.34 -0.41
N VAL A 296 -18.36 5.57 0.60
CA VAL A 296 -19.23 4.54 1.13
C VAL A 296 -20.24 4.07 0.07
N ARG A 297 -20.82 5.03 -0.63
CA ARG A 297 -21.82 4.73 -1.66
C ARG A 297 -21.21 3.95 -2.82
N ILE A 298 -19.99 4.31 -3.21
CA ILE A 298 -19.28 3.59 -4.27
C ILE A 298 -19.12 2.12 -3.92
N LEU A 299 -18.65 1.85 -2.70
CA LEU A 299 -18.44 0.49 -2.23
C LEU A 299 -19.75 -0.28 -2.06
N ARG A 300 -20.80 0.44 -1.67
CA ARG A 300 -22.09 -0.17 -1.40
C ARG A 300 -22.78 -0.66 -2.67
N ARG A 301 -22.49 -0.01 -3.79
CA ARG A 301 -23.11 -0.36 -5.07
C ARG A 301 -22.36 -1.48 -5.77
N GLU A 302 -21.11 -1.68 -5.38
CA GLU A 302 -20.27 -2.71 -6.00
C GLU A 302 -20.71 -4.10 -5.54
N HIS A 303 -21.38 -4.82 -6.43
CA HIS A 303 -21.84 -6.17 -6.14
C HIS A 303 -21.99 -6.96 -7.44
N SER A 304 -21.76 -8.27 -7.37
CA SER A 304 -21.83 -9.12 -8.55
C SER A 304 -23.25 -9.23 -9.10
N VAL B 40 1.24 16.83 -16.29
CA VAL B 40 -0.09 16.55 -15.76
C VAL B 40 -0.18 16.92 -14.26
N ALA B 41 -1.02 17.90 -13.96
CA ALA B 41 -1.12 18.43 -12.60
C ALA B 41 -1.78 17.44 -11.65
N VAL B 42 -1.42 17.55 -10.37
CA VAL B 42 -2.06 16.79 -9.30
C VAL B 42 -3.11 17.66 -8.63
N PRO B 43 -4.36 17.17 -8.56
CA PRO B 43 -5.46 17.93 -7.96
C PRO B 43 -5.21 18.21 -6.47
N LYS B 44 -5.89 19.21 -5.93
CA LYS B 44 -5.78 19.52 -4.52
C LYS B 44 -6.57 18.48 -3.72
N ILE B 45 -7.76 18.18 -4.20
CA ILE B 45 -8.60 17.13 -3.63
C ILE B 45 -9.30 16.38 -4.76
N GLU B 46 -9.81 15.19 -4.45
CA GLU B 46 -10.61 14.41 -5.40
C GLU B 46 -11.99 14.16 -4.80
N MET B 47 -13.00 14.07 -5.67
CA MET B 47 -14.40 13.94 -5.22
C MET B 47 -14.66 12.60 -4.53
N ASN B 48 -13.88 11.59 -4.89
CA ASN B 48 -13.94 10.27 -4.29
C ASN B 48 -12.73 9.45 -4.73
N PHE B 49 -12.60 8.23 -4.24
CA PHE B 49 -11.41 7.44 -4.54
C PHE B 49 -11.31 6.94 -5.98
N LEU B 50 -12.41 7.04 -6.72
CA LEU B 50 -12.39 6.70 -8.15
C LEU B 50 -12.04 7.93 -8.99
N ASN B 51 -12.20 9.11 -8.39
CA ASN B 51 -12.03 10.37 -9.10
C ASN B 51 -12.96 10.47 -10.33
N LYS B 52 -14.16 9.95 -10.18
CA LYS B 52 -15.20 10.09 -11.20
C LYS B 52 -16.53 10.35 -10.49
N PRO B 53 -17.37 11.23 -11.06
CA PRO B 53 -18.61 11.62 -10.39
C PRO B 53 -19.61 10.48 -10.30
N ILE B 54 -20.28 10.35 -9.16
CA ILE B 54 -21.29 9.31 -9.00
C ILE B 54 -22.69 9.92 -8.89
N VAL B 55 -23.66 9.21 -9.43
CA VAL B 55 -25.05 9.65 -9.39
C VAL B 55 -25.66 9.35 -8.03
N PRO B 56 -26.42 10.30 -7.47
CA PRO B 56 -27.17 10.04 -6.25
C PRO B 56 -28.31 9.06 -6.50
N ASP B 57 -28.70 8.31 -5.48
CA ASP B 57 -29.78 7.33 -5.59
C ASP B 57 -31.08 7.96 -6.08
N THR B 58 -31.45 9.08 -5.47
CA THR B 58 -32.67 9.80 -5.81
C THR B 58 -32.71 10.21 -7.28
N THR B 59 -31.59 10.74 -7.77
CA THR B 59 -31.50 11.21 -9.15
C THR B 59 -31.63 10.04 -10.14
N LYS B 60 -31.05 8.90 -9.77
CA LYS B 60 -31.13 7.70 -10.59
C LYS B 60 -32.57 7.21 -10.70
N VAL B 61 -33.26 7.15 -9.57
CA VAL B 61 -34.64 6.68 -9.53
C VAL B 61 -35.59 7.56 -10.34
N ILE B 62 -35.54 8.86 -10.09
CA ILE B 62 -36.36 9.82 -10.83
C ILE B 62 -36.12 9.72 -12.33
N SER B 63 -34.85 9.55 -12.71
CA SER B 63 -34.47 9.46 -14.11
C SER B 63 -35.09 8.24 -14.80
N ASN B 64 -35.26 7.16 -14.05
CA ASN B 64 -35.93 5.97 -14.56
C ASN B 64 -37.41 6.25 -14.77
N PHE B 65 -38.00 6.93 -13.80
CA PHE B 65 -39.41 7.27 -13.80
C PHE B 65 -39.75 8.16 -15.00
N LEU B 66 -38.88 9.13 -15.28
CA LEU B 66 -39.08 10.03 -16.41
C LEU B 66 -38.86 9.31 -17.74
N THR B 67 -37.82 8.48 -17.79
CA THR B 67 -37.49 7.74 -19.01
C THR B 67 -38.62 6.80 -19.42
N HIS B 68 -39.27 6.21 -18.42
CA HIS B 68 -40.35 5.25 -18.67
C HIS B 68 -41.53 5.90 -19.38
N TYR B 69 -41.87 7.12 -18.99
CA TYR B 69 -43.03 7.80 -19.56
C TYR B 69 -42.65 8.73 -20.70
N LEU B 70 -41.36 8.78 -21.02
CA LEU B 70 -40.89 9.52 -22.18
C LEU B 70 -40.52 8.58 -23.33
N ILE B 71 -39.86 7.48 -23.01
CA ILE B 71 -39.30 6.59 -24.02
C ILE B 71 -39.98 5.22 -24.06
N THR B 72 -40.00 4.53 -22.91
CA THR B 72 -40.54 3.18 -22.81
C THR B 72 -42.02 3.12 -23.21
N GLU B 73 -42.87 3.75 -22.40
CA GLU B 73 -44.29 3.87 -22.70
C GLU B 73 -44.59 5.34 -22.94
N PRO B 74 -44.22 5.86 -24.11
CA PRO B 74 -44.20 7.30 -24.38
C PRO B 74 -45.56 7.98 -24.27
N VAL B 75 -45.60 9.07 -23.50
CA VAL B 75 -46.77 9.93 -23.43
C VAL B 75 -46.61 11.04 -24.47
N GLU B 76 -47.62 11.23 -25.31
CA GLU B 76 -47.49 12.13 -26.46
C GLU B 76 -47.34 13.60 -26.06
N HIS B 77 -48.36 14.15 -25.42
CA HIS B 77 -48.34 15.55 -25.01
C HIS B 77 -48.00 15.64 -23.53
N VAL B 78 -46.80 15.20 -23.18
CA VAL B 78 -46.40 15.02 -21.79
C VAL B 78 -46.06 16.34 -21.09
N GLU B 79 -46.53 16.47 -19.85
CA GLU B 79 -46.12 17.56 -18.98
C GLU B 79 -45.50 16.95 -17.73
N ILE B 80 -44.32 17.45 -17.35
CA ILE B 80 -43.63 16.94 -16.17
C ILE B 80 -43.36 18.08 -15.20
N GLU B 81 -44.06 18.08 -14.06
CA GLU B 81 -43.90 19.15 -13.10
C GLU B 81 -43.85 18.69 -11.65
N ALA B 82 -43.30 19.55 -10.80
CA ALA B 82 -43.21 19.29 -9.37
C ALA B 82 -43.89 20.41 -8.59
N LYS B 83 -44.75 20.05 -7.66
CA LYS B 83 -45.42 21.04 -6.82
C LYS B 83 -44.98 20.92 -5.37
N LEU B 84 -44.76 22.07 -4.75
CA LEU B 84 -44.53 22.11 -3.31
C LEU B 84 -45.87 21.92 -2.61
N GLY B 85 -45.87 21.22 -1.49
CA GLY B 85 -47.11 20.97 -0.77
C GLY B 85 -46.95 20.18 0.50
N THR B 86 -47.93 19.34 0.78
CA THR B 86 -47.99 18.61 2.05
C THR B 86 -48.55 17.22 1.84
N LEU B 87 -47.85 16.21 2.39
CA LEU B 87 -48.37 14.85 2.41
C LEU B 87 -49.24 14.66 3.65
N ILE B 88 -50.51 14.37 3.42
CA ILE B 88 -51.47 14.20 4.51
C ILE B 88 -51.65 12.73 4.84
N ASP B 89 -51.61 12.40 6.12
CA ASP B 89 -51.95 11.06 6.58
C ASP B 89 -53.48 10.95 6.59
N LEU B 90 -54.02 10.04 5.80
CA LEU B 90 -55.46 9.90 5.65
C LEU B 90 -56.17 9.48 6.94
N GLU B 91 -55.38 9.01 7.91
CA GLU B 91 -55.93 8.54 9.17
C GLU B 91 -55.95 9.64 10.22
N THR B 92 -55.05 10.61 10.09
CA THR B 92 -54.93 11.67 11.09
C THR B 92 -55.25 13.05 10.53
N GLN B 93 -55.35 13.13 9.20
CA GLN B 93 -55.61 14.38 8.49
C GLN B 93 -54.56 15.45 8.76
N ASN B 94 -53.42 15.05 9.33
CA ASN B 94 -52.29 15.95 9.52
C ASN B 94 -51.16 15.55 8.59
N ARG B 95 -50.05 16.27 8.65
CA ARG B 95 -48.91 15.97 7.79
C ARG B 95 -48.38 14.57 8.10
N PHE B 96 -48.04 13.84 7.04
CA PHE B 96 -47.54 12.48 7.15
C PHE B 96 -46.28 12.43 8.02
N GLU B 97 -46.16 11.37 8.81
CA GLU B 97 -44.95 11.15 9.59
C GLU B 97 -44.27 9.84 9.20
N PHE B 98 -42.94 9.86 9.22
CA PHE B 98 -42.16 8.72 8.79
C PHE B 98 -40.80 8.76 9.49
N PRO B 99 -40.34 7.59 9.97
CA PRO B 99 -39.10 7.50 10.76
C PRO B 99 -37.84 7.74 9.94
N VAL B 100 -37.89 8.70 9.02
CA VAL B 100 -36.75 9.01 8.18
C VAL B 100 -36.27 10.44 8.42
N MET B 101 -35.00 10.69 8.14
CA MET B 101 -34.41 11.98 8.47
C MET B 101 -33.88 12.74 7.26
N ASN B 102 -34.35 12.38 6.07
CA ASN B 102 -33.93 13.06 4.85
C ASN B 102 -34.94 12.92 3.73
N GLU B 103 -34.77 13.72 2.69
CA GLU B 103 -35.62 13.66 1.50
C GLU B 103 -35.65 12.24 0.93
N THR B 104 -36.82 11.62 0.98
CA THR B 104 -36.95 10.23 0.54
C THR B 104 -38.11 10.05 -0.45
N ILE B 105 -37.86 9.25 -1.48
CA ILE B 105 -38.87 8.96 -2.49
C ILE B 105 -39.73 7.78 -2.04
N LEU B 106 -40.99 8.05 -1.70
CA LEU B 106 -41.92 7.01 -1.26
C LEU B 106 -42.16 5.98 -2.36
N ASN B 107 -42.29 4.73 -1.97
CA ASN B 107 -42.52 3.63 -2.92
C ASN B 107 -44.00 3.50 -3.26
N PRO B 108 -44.34 3.73 -4.54
CA PRO B 108 -45.73 3.72 -5.02
C PRO B 108 -46.41 2.35 -4.96
N GLU B 109 -45.64 1.27 -4.99
CA GLU B 109 -46.21 -0.07 -4.99
C GLU B 109 -46.78 -0.47 -3.63
N PHE B 110 -46.55 0.35 -2.63
CA PHE B 110 -47.17 0.18 -1.32
C PHE B 110 -48.35 1.14 -1.19
N ASN B 111 -49.28 0.81 -0.31
CA ASN B 111 -50.40 1.71 -0.03
C ASN B 111 -50.23 2.35 1.33
N LEU B 112 -49.62 3.54 1.35
CA LEU B 112 -49.29 4.19 2.61
C LEU B 112 -50.40 5.05 3.18
N ARG B 113 -51.57 5.01 2.55
CA ARG B 113 -52.74 5.77 3.00
C ARG B 113 -52.41 7.24 3.12
N THR B 114 -52.22 7.89 1.99
CA THR B 114 -51.76 9.27 1.98
C THR B 114 -52.29 10.05 0.77
N ARG B 115 -52.43 11.36 0.94
CA ARG B 115 -52.78 12.24 -0.17
C ARG B 115 -51.93 13.50 -0.13
N PHE B 116 -51.85 14.18 -1.27
CA PHE B 116 -51.00 15.37 -1.39
C PHE B 116 -51.84 16.62 -1.55
N GLU B 117 -51.62 17.59 -0.67
CA GLU B 117 -52.30 18.87 -0.78
C GLU B 117 -51.38 19.92 -1.40
N SER B 118 -51.72 20.34 -2.62
CA SER B 118 -50.98 21.40 -3.28
C SER B 118 -51.47 22.76 -2.79
N ASP B 119 -50.89 23.23 -1.69
CA ASP B 119 -51.32 24.48 -1.08
C ASP B 119 -50.31 24.95 -0.05
N MET B 120 -50.24 26.25 0.15
CA MET B 120 -49.42 26.85 1.20
C MET B 120 -50.10 28.12 1.65
N THR B 121 -49.69 28.66 2.80
CA THR B 121 -50.29 29.90 3.28
C THR B 121 -49.84 31.07 2.40
N ALA B 122 -50.58 32.16 2.44
CA ALA B 122 -50.26 33.34 1.66
C ALA B 122 -48.90 33.89 2.05
N SER B 123 -48.58 33.79 3.34
CA SER B 123 -47.29 34.24 3.86
C SER B 123 -46.14 33.43 3.29
N GLU B 124 -46.31 32.11 3.24
CA GLU B 124 -45.31 31.22 2.67
C GLU B 124 -45.15 31.49 1.17
N HIS B 125 -46.26 31.80 0.53
CA HIS B 125 -46.29 32.06 -0.91
C HIS B 125 -45.59 33.38 -1.21
N LYS B 126 -45.74 34.34 -0.31
CA LYS B 126 -45.14 35.66 -0.46
C LYS B 126 -43.65 35.61 -0.13
N TYR B 127 -43.30 34.82 0.87
CA TYR B 127 -41.91 34.65 1.29
C TYR B 127 -41.09 34.06 0.15
N LEU B 128 -41.66 33.06 -0.51
CA LEU B 128 -41.02 32.44 -1.67
C LEU B 128 -40.91 33.42 -2.83
N ASN B 129 -41.88 34.31 -2.95
CA ASN B 129 -41.89 35.31 -4.01
C ASN B 129 -40.77 36.34 -3.83
N GLU B 130 -40.55 36.76 -2.60
CA GLU B 130 -39.46 37.69 -2.30
C GLU B 130 -38.11 37.05 -2.59
N PHE B 131 -37.99 35.77 -2.25
CA PHE B 131 -36.76 35.03 -2.49
C PHE B 131 -36.42 34.95 -3.98
N LEU B 132 -37.42 34.65 -4.79
CA LEU B 132 -37.22 34.50 -6.23
C LEU B 132 -37.00 35.83 -6.94
N ASN B 133 -37.63 36.88 -6.45
CA ASN B 133 -37.39 38.22 -6.97
C ASN B 133 -35.93 38.60 -6.80
N GLN B 134 -35.35 38.20 -5.67
CA GLN B 134 -33.95 38.45 -5.39
C GLN B 134 -33.06 37.54 -6.23
N ALA B 135 -33.52 36.31 -6.45
CA ALA B 135 -32.80 35.38 -7.31
C ALA B 135 -32.83 35.86 -8.75
N PHE B 136 -33.92 36.54 -9.11
CA PHE B 136 -34.03 37.17 -10.42
C PHE B 136 -33.03 38.30 -10.54
N ARG B 137 -33.06 39.21 -9.57
CA ARG B 137 -32.20 40.39 -9.56
C ARG B 137 -30.72 40.04 -9.64
N ASP B 138 -30.34 38.95 -8.98
CA ASP B 138 -28.93 38.54 -8.94
C ASP B 138 -28.48 37.90 -10.24
N SER B 139 -29.40 37.29 -10.98
CA SER B 139 -29.06 36.64 -12.24
C SER B 139 -28.92 37.66 -13.38
N GLN B 140 -29.30 38.90 -13.10
CA GLN B 140 -29.24 39.97 -14.09
C GLN B 140 -27.82 40.47 -14.31
N LYS B 141 -26.92 40.07 -13.43
CA LYS B 141 -25.55 40.55 -13.39
C LYS B 141 -24.69 39.96 -14.51
N PRO B 142 -23.49 40.53 -14.75
CA PRO B 142 -22.57 39.94 -15.73
C PRO B 142 -21.99 38.61 -15.26
N GLY B 143 -21.86 37.65 -16.17
CA GLY B 143 -21.30 36.35 -15.85
C GLY B 143 -22.37 35.35 -15.45
N ARG B 144 -23.57 35.85 -15.19
CA ARG B 144 -24.69 35.01 -14.77
C ARG B 144 -25.64 34.74 -15.93
N LEU B 145 -26.14 33.51 -16.00
CA LEU B 145 -27.27 33.21 -16.88
C LEU B 145 -28.50 33.82 -16.26
N PRO B 146 -29.16 34.74 -16.98
CA PRO B 146 -30.25 35.53 -16.40
C PRO B 146 -31.59 34.81 -16.38
N PHE B 147 -32.39 35.13 -15.37
CA PHE B 147 -33.76 34.67 -15.29
C PHE B 147 -34.60 35.38 -16.35
N ALA B 148 -35.72 34.76 -16.73
CA ALA B 148 -36.76 35.47 -17.46
C ALA B 148 -37.94 35.63 -16.51
N TYR B 149 -38.78 36.64 -16.75
CA TYR B 149 -39.90 36.92 -15.86
C TYR B 149 -41.19 37.16 -16.63
N LYS B 150 -42.30 36.78 -16.03
CA LYS B 150 -43.62 37.01 -16.61
C LYS B 150 -44.68 37.07 -15.52
N HIS B 151 -45.64 37.98 -15.69
CA HIS B 151 -46.78 38.07 -14.78
C HIS B 151 -48.06 38.21 -15.59
N THR B 152 -48.91 37.19 -15.56
CA THR B 152 -50.17 37.21 -16.29
C THR B 152 -51.32 36.78 -15.40
N LYS B 153 -52.54 37.05 -15.86
CA LYS B 153 -53.74 36.55 -15.21
C LYS B 153 -54.60 35.81 -16.23
N GLN B 154 -55.16 34.68 -15.82
CA GLN B 154 -55.97 33.89 -16.73
C GLN B 154 -57.26 33.38 -16.10
N VAL B 155 -58.15 32.88 -16.95
CA VAL B 155 -59.44 32.36 -16.51
C VAL B 155 -59.56 30.90 -16.94
N ASP B 156 -59.79 30.03 -15.98
CA ASP B 156 -60.02 28.61 -16.28
C ASP B 156 -61.51 28.32 -16.44
N LEU B 157 -61.88 27.80 -17.59
CA LEU B 157 -63.27 27.44 -17.88
C LEU B 157 -63.37 25.94 -18.14
N PHE B 158 -64.24 25.26 -17.40
CA PHE B 158 -64.37 23.81 -17.53
C PHE B 158 -65.68 23.40 -18.18
N TYR B 159 -65.61 22.43 -19.09
CA TYR B 159 -66.77 21.99 -19.86
C TYR B 159 -67.01 20.48 -19.74
N GLU B 160 -68.23 20.04 -20.07
CA GLU B 160 -68.64 18.67 -19.83
C GLU B 160 -68.51 17.76 -21.07
N THR B 161 -68.59 16.46 -20.83
CA THR B 161 -68.40 15.46 -21.89
C THR B 161 -69.21 14.19 -21.66
N GLU B 162 -68.88 13.14 -22.41
CA GLU B 162 -69.47 11.82 -22.23
C GLU B 162 -68.40 10.78 -22.00
N ASP B 167 -65.11 12.68 -17.77
CA ASP B 167 -64.03 13.63 -18.00
C ASP B 167 -64.52 15.07 -18.09
N LYS B 168 -63.58 15.99 -18.29
CA LYS B 168 -63.89 17.40 -18.46
C LYS B 168 -62.89 18.06 -19.40
N ILE B 169 -63.30 19.16 -20.04
CA ILE B 169 -62.43 19.92 -20.93
C ILE B 169 -62.07 21.26 -20.30
N ARG B 170 -60.80 21.65 -20.40
CA ARG B 170 -60.38 22.94 -19.87
C ARG B 170 -59.99 23.94 -20.95
N VAL B 171 -60.63 25.12 -20.90
CA VAL B 171 -60.26 26.24 -21.75
C VAL B 171 -59.68 27.34 -20.88
N SER B 172 -58.42 27.68 -21.15
CA SER B 172 -57.78 28.79 -20.44
C SER B 172 -57.73 30.01 -21.33
N LYS B 173 -58.04 31.17 -20.74
CA LYS B 173 -58.06 32.41 -21.49
C LYS B 173 -57.22 33.47 -20.79
N ASN B 174 -56.55 34.32 -21.56
CA ASN B 174 -55.85 35.45 -20.99
C ASN B 174 -56.87 36.50 -20.58
N GLN B 175 -56.93 36.82 -19.30
CA GLN B 175 -57.93 37.76 -18.79
C GLN B 175 -57.73 39.18 -19.34
N SER B 176 -56.61 39.39 -20.02
CA SER B 176 -56.25 40.69 -20.55
C SER B 176 -56.91 40.96 -21.90
N ASP B 177 -56.41 40.29 -22.93
CA ASP B 177 -56.88 40.45 -24.30
C ASP B 177 -57.97 39.44 -24.70
N ASN B 178 -58.12 38.36 -23.92
CA ASN B 178 -59.27 37.44 -24.00
C ASN B 178 -59.25 36.42 -25.16
N GLN B 179 -58.06 36.07 -25.64
CA GLN B 179 -57.95 34.92 -26.52
C GLN B 179 -57.71 33.66 -25.75
N VAL B 180 -57.75 32.54 -26.46
CA VAL B 180 -57.56 31.22 -25.86
C VAL B 180 -56.08 30.91 -25.72
N LEU B 181 -55.64 30.71 -24.47
CA LEU B 181 -54.26 30.34 -24.19
C LEU B 181 -54.08 28.85 -24.44
N ALA B 182 -55.05 28.07 -23.99
CA ALA B 182 -55.01 26.63 -24.14
C ALA B 182 -56.41 26.03 -24.17
N CYS B 183 -56.53 24.85 -24.79
CA CYS B 183 -57.80 24.14 -24.88
C CYS B 183 -57.53 22.64 -24.85
N VAL B 184 -57.40 22.09 -23.65
CA VAL B 184 -56.88 20.74 -23.49
C VAL B 184 -57.84 19.76 -22.82
N LYS B 185 -57.38 18.52 -22.70
CA LYS B 185 -58.11 17.46 -22.00
C LYS B 185 -57.09 16.71 -21.16
N LYS B 186 -56.55 17.41 -20.16
CA LYS B 186 -55.43 16.94 -19.36
C LYS B 186 -55.75 15.68 -18.56
N ARG B 187 -54.85 14.70 -18.61
CA ARG B 187 -55.00 13.46 -17.85
C ARG B 187 -53.75 13.17 -17.03
N ARG B 188 -53.93 12.90 -15.75
CA ARG B 188 -52.83 12.56 -14.87
C ARG B 188 -52.38 11.12 -15.14
N VAL B 189 -51.12 10.95 -15.51
CA VAL B 189 -50.60 9.64 -15.86
C VAL B 189 -49.98 8.92 -14.66
N ALA B 190 -49.06 9.59 -13.97
CA ALA B 190 -48.42 9.00 -12.80
C ALA B 190 -47.81 10.05 -11.88
N ASP B 191 -47.72 9.72 -10.60
CA ASP B 191 -47.16 10.63 -9.60
C ASP B 191 -45.92 10.03 -8.94
N LEU B 192 -45.26 10.82 -8.11
CA LEU B 192 -44.09 10.37 -7.36
C LEU B 192 -43.83 11.32 -6.21
N PHE B 193 -44.00 10.81 -4.99
CA PHE B 193 -44.00 11.66 -3.79
C PHE B 193 -42.67 11.65 -3.04
N LEU B 194 -42.20 12.83 -2.67
CA LEU B 194 -40.98 12.96 -1.87
C LEU B 194 -41.30 13.52 -0.50
N TYR B 195 -41.10 12.70 0.53
CA TYR B 195 -41.31 13.11 1.91
C TYR B 195 -40.05 13.81 2.45
N CYS B 196 -40.21 15.02 2.96
CA CYS B 196 -39.07 15.85 3.35
C CYS B 196 -39.21 16.39 4.76
N PRO B 197 -38.83 15.58 5.76
CA PRO B 197 -39.03 15.89 7.18
C PRO B 197 -38.28 17.12 7.70
N ASN B 198 -37.28 17.60 6.97
CA ASN B 198 -36.50 18.76 7.43
C ASN B 198 -37.09 20.08 6.94
N ASP B 199 -37.98 20.02 5.96
CA ASP B 199 -38.58 21.20 5.38
C ASP B 199 -40.07 21.29 5.70
N ALA B 200 -40.68 22.43 5.39
CA ALA B 200 -42.09 22.63 5.66
C ALA B 200 -42.94 22.14 4.51
N PHE B 201 -42.30 21.76 3.42
CA PHE B 201 -43.02 21.29 2.24
C PHE B 201 -42.58 19.89 1.83
N ASP B 202 -43.53 19.12 1.30
CA ASP B 202 -43.22 17.86 0.64
C ASP B 202 -43.34 18.11 -0.86
N ILE B 203 -42.85 17.16 -1.65
CA ILE B 203 -42.86 17.34 -3.10
C ILE B 203 -43.70 16.27 -3.78
N ARG B 204 -44.38 16.65 -4.85
CA ARG B 204 -45.07 15.69 -5.70
C ARG B 204 -44.64 15.90 -7.14
N ILE B 205 -43.92 14.93 -7.71
CA ILE B 205 -43.55 15.00 -9.12
C ILE B 205 -44.67 14.37 -9.94
N SER B 206 -45.12 15.09 -10.96
CA SER B 206 -46.27 14.64 -11.74
C SER B 206 -46.00 14.58 -13.23
N ILE B 207 -46.42 13.47 -13.84
CA ILE B 207 -46.40 13.31 -15.28
C ILE B 207 -47.83 13.30 -15.79
N SER B 208 -48.16 14.23 -16.67
CA SER B 208 -49.53 14.40 -17.15
C SER B 208 -49.61 14.27 -18.67
N ASP B 209 -50.81 14.02 -19.17
CA ASP B 209 -51.05 13.97 -20.61
C ASP B 209 -51.99 15.10 -20.99
N GLU B 210 -51.44 16.15 -21.59
CA GLU B 210 -52.20 17.36 -21.88
C GLU B 210 -52.60 17.44 -23.36
N LEU B 211 -53.64 16.71 -23.73
CA LEU B 211 -54.06 16.59 -25.13
C LEU B 211 -54.93 17.75 -25.60
N PRO B 212 -54.49 18.46 -26.64
CA PRO B 212 -55.26 19.55 -27.27
C PRO B 212 -56.57 19.05 -27.90
N VAL B 213 -57.64 19.80 -27.67
CA VAL B 213 -58.96 19.45 -28.19
C VAL B 213 -59.60 20.69 -28.81
N SER B 214 -60.44 20.49 -29.82
CA SER B 214 -61.17 21.59 -30.44
C SER B 214 -62.09 22.27 -29.43
N MET B 215 -62.40 23.53 -29.66
CA MET B 215 -63.24 24.32 -28.76
C MET B 215 -64.66 23.76 -28.68
N PRO B 216 -65.29 23.86 -27.49
CA PRO B 216 -66.68 23.45 -27.26
C PRO B 216 -67.67 24.23 -28.13
N SER B 217 -68.48 23.51 -28.91
CA SER B 217 -69.43 24.16 -29.82
C SER B 217 -70.86 24.03 -29.33
N GLY B 218 -71.54 25.15 -29.16
CA GLY B 218 -70.94 26.46 -29.41
C GLY B 218 -70.91 27.27 -28.13
N ASN B 219 -71.93 28.10 -27.94
CA ASN B 219 -72.07 28.84 -26.69
C ASN B 219 -72.58 27.95 -25.56
N GLN B 220 -71.86 26.86 -25.32
CA GLN B 220 -72.18 25.95 -24.23
C GLN B 220 -71.85 26.63 -22.90
N GLN B 221 -72.41 26.13 -21.82
CA GLN B 221 -72.17 26.69 -20.50
C GLN B 221 -71.03 25.97 -19.79
N PRO B 222 -70.11 26.75 -19.20
CA PRO B 222 -69.02 26.17 -18.39
C PRO B 222 -69.54 25.67 -17.04
N SER B 223 -69.15 24.46 -16.67
CA SER B 223 -69.59 23.86 -15.41
C SER B 223 -68.71 24.28 -14.25
N LEU B 224 -67.66 25.04 -14.55
CA LEU B 224 -66.77 25.56 -13.51
C LEU B 224 -65.99 26.77 -14.03
N THR B 225 -65.74 27.73 -13.15
CA THR B 225 -65.08 28.97 -13.52
C THR B 225 -64.27 29.55 -12.37
N ARG B 226 -62.96 29.68 -12.57
CA ARG B 226 -62.06 30.18 -11.54
C ARG B 226 -60.97 31.07 -12.15
N LEU B 227 -60.54 32.07 -11.39
CA LEU B 227 -59.48 32.96 -11.83
C LEU B 227 -58.10 32.46 -11.37
N LYS B 228 -57.06 32.82 -12.12
CA LYS B 228 -55.72 32.34 -11.83
C LYS B 228 -54.68 33.43 -12.06
N ASP B 229 -53.96 33.80 -11.00
CA ASP B 229 -52.84 34.73 -11.13
C ASP B 229 -51.56 33.93 -11.29
N ARG B 230 -50.75 34.31 -12.27
CA ARG B 230 -49.53 33.56 -12.57
C ARG B 230 -48.28 34.44 -12.62
N VAL B 231 -47.40 34.25 -11.65
CA VAL B 231 -46.10 34.90 -11.63
C VAL B 231 -45.02 33.87 -11.98
N GLY B 232 -44.55 33.93 -13.22
CA GLY B 232 -43.63 32.92 -13.72
C GLY B 232 -42.18 33.35 -13.79
N TYR B 233 -41.29 32.41 -13.45
CA TYR B 233 -39.85 32.61 -13.62
C TYR B 233 -39.31 31.52 -14.53
N VAL B 234 -38.30 31.84 -15.32
CA VAL B 234 -37.61 30.82 -16.12
C VAL B 234 -36.09 30.98 -16.00
N HIS B 235 -35.42 29.87 -15.73
CA HIS B 235 -33.95 29.86 -15.68
C HIS B 235 -33.46 28.54 -16.25
N GLN B 236 -32.65 28.65 -17.31
CA GLN B 236 -32.16 27.47 -18.04
C GLN B 236 -33.32 26.55 -18.47
N GLU B 237 -34.38 27.18 -18.96
CA GLU B 237 -35.58 26.46 -19.42
C GLU B 237 -36.23 25.59 -18.35
N ILE B 238 -35.96 25.92 -17.09
CA ILE B 238 -36.68 25.35 -15.97
C ILE B 238 -37.74 26.35 -15.51
N LYS B 239 -39.01 26.03 -15.78
CA LYS B 239 -40.10 26.95 -15.49
C LYS B 239 -40.53 26.87 -14.02
N ILE B 240 -40.60 28.03 -13.36
CA ILE B 240 -41.03 28.12 -11.96
C ILE B 240 -42.20 29.10 -11.84
N ASP B 241 -43.37 28.59 -11.46
CA ASP B 241 -44.58 29.40 -11.44
C ASP B 241 -45.23 29.47 -10.06
N LEU B 242 -45.31 30.68 -9.52
CA LEU B 242 -46.12 30.92 -8.33
C LEU B 242 -47.53 31.33 -8.77
N THR B 243 -48.49 30.45 -8.50
CA THR B 243 -49.86 30.70 -8.92
C THR B 243 -50.80 30.98 -7.75
N LYS B 244 -51.81 31.81 -8.01
CA LYS B 244 -52.89 32.05 -7.06
C LYS B 244 -54.21 31.72 -7.72
N THR B 245 -54.96 30.79 -7.13
CA THR B 245 -56.23 30.37 -7.68
C THR B 245 -57.40 30.78 -6.80
N THR B 246 -58.18 31.74 -7.27
CA THR B 246 -59.36 32.19 -6.55
C THR B 246 -60.61 31.58 -7.15
N GLN B 247 -61.44 31.00 -6.31
CA GLN B 247 -62.71 30.44 -6.74
C GLN B 247 -63.82 30.90 -5.80
N ASN B 248 -64.86 31.49 -6.37
CA ASN B 248 -65.98 31.97 -5.58
C ASN B 248 -67.09 30.93 -5.46
N ASP B 249 -67.97 31.12 -4.48
CA ASP B 249 -69.01 30.16 -4.17
C ASP B 249 -70.33 30.89 -3.96
N PRO B 250 -71.44 30.30 -4.44
CA PRO B 250 -72.77 30.90 -4.25
C PRO B 250 -73.18 30.95 -2.77
N VAL B 251 -72.48 30.18 -1.93
CA VAL B 251 -72.80 30.13 -0.52
C VAL B 251 -71.64 30.54 0.38
N TYR B 252 -70.52 29.82 0.27
CA TYR B 252 -69.37 30.03 1.15
C TYR B 252 -68.42 31.12 0.67
N ASP B 253 -67.49 31.51 1.54
CA ASP B 253 -66.51 32.55 1.20
C ASP B 253 -65.62 32.13 0.05
N THR B 254 -65.09 33.12 -0.67
CA THR B 254 -64.13 32.86 -1.75
C THR B 254 -62.85 32.29 -1.18
N THR B 255 -62.39 31.18 -1.75
CA THR B 255 -61.13 30.56 -1.33
C THR B 255 -60.00 30.99 -2.25
N GLU B 256 -58.79 31.06 -1.71
CA GLU B 256 -57.63 31.46 -2.49
C GLU B 256 -56.49 30.47 -2.30
N ARG B 257 -56.17 29.73 -3.35
CA ARG B 257 -55.15 28.68 -3.28
C ARG B 257 -53.78 29.15 -3.75
N HIS B 258 -52.77 28.93 -2.91
CA HIS B 258 -51.41 29.37 -3.21
C HIS B 258 -50.50 28.19 -3.54
N GLU B 259 -50.01 28.15 -4.77
CA GLU B 259 -49.19 27.02 -5.23
C GLU B 259 -47.86 27.46 -5.83
N LEU B 260 -46.91 26.53 -5.83
CA LEU B 260 -45.64 26.73 -6.53
C LEU B 260 -45.35 25.48 -7.35
N GLU B 261 -45.10 25.66 -8.63
CA GLU B 261 -44.77 24.54 -9.51
C GLU B 261 -43.44 24.76 -10.22
N VAL B 262 -42.66 23.69 -10.33
CA VAL B 262 -41.44 23.69 -11.10
C VAL B 262 -41.59 22.65 -12.21
N GLU B 263 -41.36 23.04 -13.46
CA GLU B 263 -41.50 22.09 -14.56
C GLU B 263 -40.42 22.24 -15.62
N PHE B 264 -40.28 21.20 -16.43
CA PHE B 264 -39.31 21.17 -17.52
C PHE B 264 -39.85 21.94 -18.71
N GLY B 265 -39.20 23.06 -19.04
CA GLY B 265 -39.62 23.88 -20.16
C GLY B 265 -39.41 23.22 -21.50
N ASN B 266 -38.30 22.51 -21.65
CA ASN B 266 -37.95 21.88 -22.92
C ASN B 266 -38.14 20.37 -22.90
N ILE B 267 -39.37 19.93 -23.17
CA ILE B 267 -39.67 18.49 -23.19
C ILE B 267 -38.94 17.78 -24.32
N ALA B 268 -38.88 18.41 -25.49
CA ALA B 268 -38.21 17.83 -26.65
C ALA B 268 -36.75 17.49 -26.35
N ASP B 269 -36.03 18.44 -25.76
CA ASP B 269 -34.64 18.22 -25.37
C ASP B 269 -34.55 17.11 -24.33
N LEU B 270 -35.45 17.16 -23.34
CA LEU B 270 -35.48 16.16 -22.27
C LEU B 270 -35.78 14.76 -22.82
N ARG B 271 -36.67 14.70 -23.80
CA ARG B 271 -37.02 13.44 -24.45
C ARG B 271 -35.80 12.84 -25.13
N ASP B 272 -35.04 13.70 -25.81
CA ASP B 272 -33.83 13.29 -26.49
C ASP B 272 -32.78 12.81 -25.50
N ARG B 273 -32.73 13.47 -24.33
CA ARG B 273 -31.81 13.07 -23.27
C ARG B 273 -32.17 11.71 -22.70
N ALA B 274 -33.47 11.43 -22.62
CA ALA B 274 -33.96 10.16 -22.08
C ALA B 274 -33.69 9.02 -23.04
N GLN B 275 -33.71 9.32 -24.34
CA GLN B 275 -33.43 8.31 -25.36
C GLN B 275 -31.96 7.90 -25.30
N LYS B 276 -31.08 8.87 -25.04
CA LYS B 276 -29.67 8.60 -24.89
C LYS B 276 -29.43 7.73 -23.66
N ALA B 277 -30.12 8.05 -22.57
CA ALA B 277 -29.98 7.32 -21.32
C ALA B 277 -30.40 5.86 -21.49
N LYS B 278 -31.49 5.66 -22.23
CA LYS B 278 -31.98 4.32 -22.52
C LYS B 278 -30.98 3.57 -23.39
N ASP B 279 -30.15 4.32 -24.11
CA ASP B 279 -29.18 3.73 -25.04
C ASP B 279 -27.79 3.52 -24.44
N GLY B 280 -27.52 4.15 -23.30
CA GLY B 280 -26.24 3.97 -22.64
C GLY B 280 -25.61 5.24 -22.12
N MET B 281 -25.80 6.35 -22.83
CA MET B 281 -25.28 7.64 -22.38
C MET B 281 -26.33 8.35 -21.53
N GLU B 282 -26.23 8.15 -20.21
CA GLU B 282 -27.24 8.65 -19.29
C GLU B 282 -26.76 9.83 -18.45
N ALA B 283 -25.59 10.36 -18.78
CA ALA B 283 -25.06 11.52 -18.08
C ALA B 283 -25.84 12.82 -18.35
N PRO B 284 -26.16 13.12 -19.63
CA PRO B 284 -26.94 14.35 -19.85
C PRO B 284 -28.35 14.32 -19.24
N LEU B 285 -28.93 13.13 -19.07
CA LEU B 285 -30.23 13.04 -18.41
C LEU B 285 -30.10 13.29 -16.90
N PHE B 286 -29.09 12.69 -16.30
CA PHE B 286 -28.83 12.84 -14.87
C PHE B 286 -28.51 14.29 -14.55
N ARG B 287 -27.76 14.94 -15.44
CA ARG B 287 -27.36 16.33 -15.27
C ARG B 287 -28.59 17.24 -15.25
N ARG B 288 -29.54 16.94 -16.13
CA ARG B 288 -30.76 17.72 -16.25
C ARG B 288 -31.68 17.50 -15.05
N VAL B 289 -31.92 16.24 -14.72
CA VAL B 289 -32.75 15.87 -13.58
C VAL B 289 -32.15 16.39 -12.28
N GLN B 290 -30.82 16.39 -12.20
CA GLN B 290 -30.13 16.93 -11.03
C GLN B 290 -30.42 18.43 -10.91
N LEU B 291 -30.36 19.13 -12.03
CA LEU B 291 -30.62 20.56 -12.09
C LEU B 291 -32.04 20.86 -11.60
N PHE B 292 -33.00 20.15 -12.17
CA PHE B 292 -34.41 20.27 -11.79
C PHE B 292 -34.60 20.10 -10.29
N MET B 293 -34.09 19.00 -9.75
CA MET B 293 -34.23 18.69 -8.34
C MET B 293 -33.54 19.70 -7.44
N ASP B 294 -32.35 20.14 -7.85
CA ASP B 294 -31.63 21.16 -7.08
C ASP B 294 -32.43 22.45 -6.97
N ASN B 295 -33.12 22.81 -8.05
CA ASN B 295 -33.99 23.98 -8.04
C ASN B 295 -35.19 23.79 -7.13
N VAL B 296 -35.76 22.59 -7.16
CA VAL B 296 -36.88 22.25 -6.28
C VAL B 296 -36.44 22.27 -4.82
N ARG B 297 -35.25 21.73 -4.56
CA ARG B 297 -34.72 21.65 -3.20
C ARG B 297 -34.39 23.02 -2.61
N ILE B 298 -33.90 23.94 -3.45
CA ILE B 298 -33.61 25.30 -3.00
C ILE B 298 -34.89 25.97 -2.50
N LEU B 299 -35.96 25.82 -3.28
CA LEU B 299 -37.25 26.42 -2.95
C LEU B 299 -37.87 25.79 -1.72
N ARG B 300 -37.86 24.46 -1.69
CA ARG B 300 -38.45 23.68 -0.61
C ARG B 300 -37.85 24.03 0.75
N ARG B 301 -36.59 24.49 0.74
CA ARG B 301 -35.89 24.85 1.95
C ARG B 301 -36.10 26.30 2.34
N GLU B 302 -36.77 27.05 1.46
CA GLU B 302 -36.98 28.48 1.70
C GLU B 302 -38.24 28.72 2.51
N HIS B 303 -38.06 29.05 3.79
CA HIS B 303 -39.19 29.25 4.70
C HIS B 303 -38.81 30.22 5.82
N SER B 304 -39.79 30.94 6.35
CA SER B 304 -39.55 31.92 7.40
C SER B 304 -39.11 31.26 8.70
N LYS C 44 20.48 -36.44 8.43
CA LYS C 44 20.84 -35.26 9.21
C LYS C 44 22.04 -34.54 8.62
N ILE C 45 21.91 -33.22 8.45
CA ILE C 45 22.99 -32.40 7.89
C ILE C 45 23.26 -31.21 8.80
N GLU C 46 24.54 -30.91 9.00
CA GLU C 46 24.94 -29.73 9.76
C GLU C 46 25.49 -28.67 8.80
N MET C 47 25.45 -27.40 9.22
CA MET C 47 25.89 -26.30 8.35
C MET C 47 27.41 -26.21 8.25
N ASN C 48 28.09 -26.69 9.28
CA ASN C 48 29.55 -26.70 9.35
C ASN C 48 29.98 -27.58 10.51
N PHE C 49 31.28 -27.81 10.69
CA PHE C 49 31.72 -28.73 11.73
C PHE C 49 31.49 -28.23 13.16
N LEU C 50 31.03 -26.99 13.29
CA LEU C 50 30.67 -26.43 14.59
C LEU C 50 29.17 -26.54 14.86
N ASN C 51 28.39 -26.69 13.78
CA ASN C 51 26.93 -26.76 13.85
C ASN C 51 26.26 -25.46 14.34
N LYS C 52 27.03 -24.38 14.42
CA LYS C 52 26.48 -23.08 14.78
C LYS C 52 26.68 -22.11 13.62
N PRO C 53 25.79 -21.12 13.48
CA PRO C 53 25.90 -20.18 12.36
C PRO C 53 27.07 -19.20 12.50
N ILE C 54 27.72 -18.89 11.38
CA ILE C 54 28.83 -17.96 11.38
C ILE C 54 28.47 -16.67 10.65
N VAL C 55 29.07 -15.57 11.08
CA VAL C 55 28.80 -14.27 10.48
C VAL C 55 29.58 -14.07 9.20
N PRO C 56 28.88 -13.73 8.10
CA PRO C 56 29.57 -13.39 6.84
C PRO C 56 30.48 -12.20 7.06
N ASP C 57 31.62 -12.19 6.35
CA ASP C 57 32.63 -11.14 6.52
C ASP C 57 32.05 -9.75 6.30
N THR C 58 31.30 -9.60 5.20
CA THR C 58 30.68 -8.33 4.85
C THR C 58 29.72 -7.83 5.93
N THR C 59 28.86 -8.73 6.41
CA THR C 59 27.89 -8.42 7.45
C THR C 59 28.57 -7.88 8.71
N LYS C 60 29.69 -8.49 9.07
CA LYS C 60 30.47 -8.07 10.23
C LYS C 60 31.03 -6.66 10.03
N VAL C 61 31.63 -6.41 8.87
CA VAL C 61 32.25 -5.14 8.57
C VAL C 61 31.24 -3.99 8.54
N ILE C 62 30.11 -4.21 7.88
CA ILE C 62 29.05 -3.21 7.81
C ILE C 62 28.48 -2.94 9.20
N SER C 63 28.39 -3.99 10.02
CA SER C 63 27.91 -3.85 11.39
C SER C 63 28.84 -2.95 12.20
N ASN C 64 30.14 -3.04 11.92
CA ASN C 64 31.12 -2.17 12.56
C ASN C 64 30.94 -0.73 12.12
N PHE C 65 30.73 -0.55 10.82
CA PHE C 65 30.53 0.77 10.22
C PHE C 65 29.29 1.45 10.81
N LEU C 66 28.22 0.67 10.95
CA LEU C 66 26.97 1.21 11.50
C LEU C 66 27.05 1.48 13.00
N THR C 67 27.69 0.57 13.73
CA THR C 67 27.83 0.71 15.18
C THR C 67 28.62 1.97 15.55
N HIS C 68 29.60 2.33 14.72
CA HIS C 68 30.43 3.50 14.97
C HIS C 68 29.62 4.78 14.97
N TYR C 69 28.78 4.95 13.96
CA TYR C 69 27.99 6.18 13.81
C TYR C 69 26.63 6.09 14.49
N LEU C 70 26.40 4.99 15.19
CA LEU C 70 25.20 4.85 16.00
C LEU C 70 25.52 4.97 17.49
N ILE C 71 26.68 4.45 17.90
CA ILE C 71 27.03 4.40 19.32
C ILE C 71 28.31 5.14 19.68
N THR C 72 29.42 4.77 19.05
CA THR C 72 30.74 5.33 19.40
C THR C 72 30.80 6.83 19.16
N GLU C 73 30.56 7.24 17.91
CA GLU C 73 30.46 8.65 17.56
C GLU C 73 29.05 8.91 17.05
N PRO C 74 28.07 8.96 17.98
CA PRO C 74 26.65 8.94 17.62
C PRO C 74 26.18 10.15 16.82
N VAL C 75 25.33 9.89 15.84
CA VAL C 75 24.66 10.93 15.08
C VAL C 75 23.23 11.04 15.59
N GLU C 76 22.86 12.24 16.04
CA GLU C 76 21.58 12.44 16.73
C GLU C 76 20.36 12.11 15.86
N HIS C 77 20.34 12.64 14.64
CA HIS C 77 19.23 12.41 13.72
C HIS C 77 19.71 11.65 12.49
N VAL C 78 20.15 10.42 12.69
CA VAL C 78 20.81 9.66 11.62
C VAL C 78 19.85 9.05 10.59
N GLU C 79 20.26 9.11 9.33
CA GLU C 79 19.60 8.37 8.27
C GLU C 79 20.62 7.39 7.70
N ILE C 80 20.23 6.13 7.58
CA ILE C 80 21.12 5.12 7.02
C ILE C 80 20.46 4.44 5.81
N GLU C 81 20.96 4.75 4.63
CA GLU C 81 20.38 4.20 3.41
C GLU C 81 21.43 3.69 2.43
N ALA C 82 21.02 2.74 1.60
CA ALA C 82 21.86 2.23 0.53
C ALA C 82 21.20 2.54 -0.80
N LYS C 83 21.99 3.04 -1.76
CA LYS C 83 21.45 3.34 -3.08
C LYS C 83 22.08 2.48 -4.14
N LEU C 84 21.27 2.05 -5.10
CA LEU C 84 21.77 1.38 -6.29
C LEU C 84 22.32 2.44 -7.25
N GLY C 85 23.35 2.07 -8.01
CA GLY C 85 23.95 2.99 -8.95
C GLY C 85 25.19 2.39 -9.58
N THR C 86 26.08 3.26 -10.07
CA THR C 86 27.28 2.80 -10.74
C THR C 86 28.53 3.50 -10.21
N LEU C 87 29.56 2.72 -9.92
CA LEU C 87 30.87 3.26 -9.58
C LEU C 87 31.59 3.67 -10.86
N ILE C 88 31.85 4.96 -11.00
CA ILE C 88 32.48 5.48 -12.21
C ILE C 88 33.96 5.75 -11.96
N ASP C 89 34.81 5.23 -12.85
CA ASP C 89 36.24 5.53 -12.81
C ASP C 89 36.46 6.94 -13.34
N LEU C 90 37.14 7.77 -12.55
CA LEU C 90 37.30 9.19 -12.88
C LEU C 90 38.08 9.46 -14.18
N GLU C 91 38.92 8.52 -14.58
CA GLU C 91 39.71 8.70 -15.80
C GLU C 91 39.02 8.18 -17.05
N THR C 92 38.35 7.05 -16.93
CA THR C 92 37.70 6.42 -18.08
C THR C 92 36.28 6.91 -18.27
N GLN C 93 35.71 7.50 -17.22
CA GLN C 93 34.30 7.90 -17.19
C GLN C 93 33.39 6.73 -17.57
N ASN C 94 33.84 5.53 -17.24
CA ASN C 94 33.06 4.31 -17.43
C ASN C 94 32.94 3.59 -16.11
N ARG C 95 32.33 2.41 -16.11
CA ARG C 95 32.17 1.66 -14.87
C ARG C 95 33.50 1.15 -14.35
N PHE C 96 33.71 1.35 -13.05
CA PHE C 96 34.89 0.92 -12.33
C PHE C 96 35.30 -0.51 -12.66
N GLU C 97 36.59 -0.70 -12.96
CA GLU C 97 37.12 -2.03 -13.21
C GLU C 97 38.06 -2.43 -12.07
N PHE C 98 37.82 -3.60 -11.50
CA PHE C 98 38.59 -4.07 -10.36
C PHE C 98 38.75 -5.58 -10.51
N PRO C 99 39.96 -6.10 -10.26
CA PRO C 99 40.22 -7.52 -10.44
C PRO C 99 39.63 -8.39 -9.33
N VAL C 100 38.32 -8.27 -9.12
CA VAL C 100 37.60 -9.09 -8.16
C VAL C 100 36.44 -9.79 -8.85
N MET C 101 35.86 -10.79 -8.20
CA MET C 101 34.82 -11.60 -8.83
C MET C 101 33.55 -11.68 -8.00
N ASN C 102 33.52 -10.98 -6.88
CA ASN C 102 32.36 -10.97 -6.02
C ASN C 102 32.12 -9.59 -5.43
N GLU C 103 30.95 -9.40 -4.83
CA GLU C 103 30.64 -8.18 -4.11
C GLU C 103 31.72 -7.91 -3.06
N THR C 104 32.30 -6.72 -3.10
CA THR C 104 33.40 -6.40 -2.19
C THR C 104 33.38 -4.95 -1.69
N ILE C 105 33.61 -4.79 -0.40
CA ILE C 105 33.63 -3.48 0.23
C ILE C 105 34.96 -2.78 0.00
N LEU C 106 34.91 -1.59 -0.57
CA LEU C 106 36.13 -0.82 -0.85
C LEU C 106 36.61 -0.07 0.39
N ASN C 107 37.90 -0.17 0.66
CA ASN C 107 38.51 0.53 1.79
C ASN C 107 38.53 2.03 1.55
N PRO C 108 37.75 2.80 2.34
CA PRO C 108 37.63 4.24 2.15
C PRO C 108 38.95 4.98 2.39
N GLU C 109 39.88 4.35 3.10
CA GLU C 109 41.17 4.98 3.41
C GLU C 109 42.13 4.93 2.22
N PHE C 110 41.64 4.48 1.08
CA PHE C 110 42.42 4.45 -0.15
C PHE C 110 41.75 5.31 -1.22
N ASN C 111 42.55 6.10 -1.93
CA ASN C 111 42.03 6.88 -3.04
C ASN C 111 41.98 6.03 -4.31
N LEU C 112 40.77 5.63 -4.69
CA LEU C 112 40.58 4.78 -5.85
C LEU C 112 40.10 5.57 -7.06
N ARG C 113 40.18 6.90 -6.95
CA ARG C 113 39.74 7.82 -8.01
C ARG C 113 38.41 7.39 -8.60
N THR C 114 37.35 7.55 -7.83
CA THR C 114 36.04 7.04 -8.21
C THR C 114 34.91 7.88 -7.63
N ARG C 115 33.82 7.98 -8.39
CA ARG C 115 32.62 8.66 -7.91
C ARG C 115 31.42 7.76 -8.16
N PHE C 116 30.29 8.11 -7.55
CA PHE C 116 29.12 7.24 -7.60
C PHE C 116 27.93 7.87 -8.33
N GLU C 117 27.47 7.21 -9.38
CA GLU C 117 26.30 7.68 -10.11
C GLU C 117 25.03 6.99 -9.60
N SER C 118 24.26 7.70 -8.77
CA SER C 118 23.01 7.16 -8.26
C SER C 118 21.87 7.41 -9.24
N ASP C 119 21.98 6.79 -10.42
CA ASP C 119 21.02 7.01 -11.48
C ASP C 119 20.93 5.78 -12.37
N MET C 120 19.72 5.48 -12.85
CA MET C 120 19.52 4.39 -13.78
C MET C 120 18.59 4.82 -14.91
N THR C 121 18.48 4.00 -15.95
CA THR C 121 17.62 4.31 -17.08
C THR C 121 16.16 4.13 -16.69
N ALA C 122 15.26 4.66 -17.52
CA ALA C 122 13.83 4.56 -17.26
C ALA C 122 13.37 3.11 -17.33
N SER C 123 14.00 2.34 -18.21
CA SER C 123 13.69 0.92 -18.35
C SER C 123 14.09 0.14 -17.11
N GLU C 124 15.31 0.40 -16.63
CA GLU C 124 15.82 -0.25 -15.43
C GLU C 124 14.98 0.11 -14.21
N HIS C 125 14.40 1.31 -14.22
CA HIS C 125 13.55 1.77 -13.13
C HIS C 125 12.19 1.09 -13.20
N LYS C 126 11.66 0.97 -14.41
CA LYS C 126 10.37 0.33 -14.63
C LYS C 126 10.45 -1.16 -14.30
N TYR C 127 11.55 -1.78 -14.72
CA TYR C 127 11.77 -3.21 -14.50
C TYR C 127 11.75 -3.54 -13.01
N LEU C 128 12.40 -2.70 -12.22
CA LEU C 128 12.42 -2.86 -10.77
C LEU C 128 11.04 -2.57 -10.18
N ASN C 129 10.32 -1.64 -10.81
CA ASN C 129 8.98 -1.28 -10.36
C ASN C 129 8.01 -2.45 -10.50
N GLU C 130 8.08 -3.13 -11.63
CA GLU C 130 7.23 -4.29 -11.88
C GLU C 130 7.59 -5.42 -10.92
N PHE C 131 8.89 -5.68 -10.79
CA PHE C 131 9.39 -6.70 -9.88
C PHE C 131 8.89 -6.49 -8.45
N LEU C 132 9.03 -5.26 -7.97
CA LEU C 132 8.59 -4.91 -6.62
C LEU C 132 7.08 -5.05 -6.45
N ASN C 133 6.33 -4.65 -7.47
CA ASN C 133 4.88 -4.79 -7.45
C ASN C 133 4.46 -6.25 -7.35
N GLN C 134 5.14 -7.12 -8.09
CA GLN C 134 4.85 -8.55 -8.04
C GLN C 134 5.22 -9.10 -6.68
N ALA C 135 6.37 -8.67 -6.16
CA ALA C 135 6.81 -9.06 -4.82
C ALA C 135 5.83 -8.53 -3.77
N PHE C 136 5.24 -7.37 -4.06
CA PHE C 136 4.27 -6.74 -3.17
C PHE C 136 3.01 -7.59 -3.00
N ARG C 137 2.46 -8.05 -4.11
CA ARG C 137 1.23 -8.85 -4.07
C ARG C 137 1.47 -10.24 -3.46
N ASP C 138 2.63 -10.81 -3.76
CA ASP C 138 2.99 -12.13 -3.24
C ASP C 138 3.05 -12.14 -1.72
N SER C 139 3.41 -11.01 -1.13
CA SER C 139 3.54 -10.90 0.32
C SER C 139 2.19 -10.76 1.01
N GLN C 140 1.14 -10.54 0.21
CA GLN C 140 -0.20 -10.40 0.77
C GLN C 140 -0.87 -11.75 0.94
N LYS C 141 -0.29 -12.76 0.30
CA LYS C 141 -0.78 -14.14 0.36
C LYS C 141 -0.64 -14.71 1.78
N PRO C 142 -1.37 -15.81 2.08
CA PRO C 142 -1.30 -16.43 3.42
C PRO C 142 0.08 -16.99 3.77
N GLY C 143 0.47 -16.81 5.03
CA GLY C 143 1.75 -17.28 5.51
C GLY C 143 2.81 -16.20 5.46
N ARG C 144 2.62 -15.24 4.59
CA ARG C 144 3.60 -14.19 4.35
C ARG C 144 3.47 -12.99 5.28
N LEU C 145 4.60 -12.39 5.62
CA LEU C 145 4.63 -11.06 6.22
C LEU C 145 4.46 -10.05 5.08
N PRO C 146 3.38 -9.25 5.15
CA PRO C 146 3.01 -8.38 4.03
C PRO C 146 3.87 -7.13 3.86
N PHE C 147 3.85 -6.61 2.64
CA PHE C 147 4.47 -5.33 2.30
C PHE C 147 3.52 -4.20 2.70
N ALA C 148 4.08 -3.04 2.96
CA ALA C 148 3.28 -1.82 3.11
C ALA C 148 3.60 -0.91 1.92
N TYR C 149 2.67 -0.02 1.59
CA TYR C 149 2.83 0.82 0.40
C TYR C 149 2.49 2.27 0.68
N LYS C 150 3.25 3.17 0.06
CA LYS C 150 3.05 4.61 0.21
C LYS C 150 3.60 5.33 -1.01
N HIS C 151 2.72 6.03 -1.72
CA HIS C 151 3.13 6.76 -2.92
C HIS C 151 3.05 8.26 -2.66
N THR C 152 4.17 8.95 -2.85
CA THR C 152 4.23 10.38 -2.58
C THR C 152 4.56 11.19 -3.83
N LYS C 153 3.79 12.25 -4.04
CA LYS C 153 4.06 13.20 -5.12
C LYS C 153 4.33 14.56 -4.51
N GLN C 154 5.62 14.89 -4.34
CA GLN C 154 6.00 16.09 -3.61
C GLN C 154 6.93 17.01 -4.40
N VAL C 155 7.26 18.15 -3.80
CA VAL C 155 8.17 19.12 -4.40
C VAL C 155 9.37 19.34 -3.48
N ASP C 156 10.57 19.29 -4.05
CA ASP C 156 11.78 19.53 -3.27
C ASP C 156 12.32 20.95 -3.47
N LEU C 157 12.60 21.62 -2.34
CA LEU C 157 13.20 22.95 -2.36
C LEU C 157 14.48 22.94 -1.55
N PHE C 158 15.62 23.13 -2.24
CA PHE C 158 16.91 23.13 -1.56
C PHE C 158 17.45 24.54 -1.34
N TYR C 159 17.94 24.79 -0.13
CA TYR C 159 18.49 26.10 0.23
C TYR C 159 19.93 25.97 0.69
N GLU C 160 20.69 27.05 0.55
CA GLU C 160 22.06 27.09 1.02
C GLU C 160 22.13 27.62 2.44
N THR C 161 23.21 27.27 3.13
CA THR C 161 23.37 27.65 4.53
C THR C 161 24.31 28.84 4.68
N GLU C 162 24.19 29.54 5.79
CA GLU C 162 24.99 30.74 6.03
C GLU C 162 26.39 30.37 6.53
N ASP C 163 26.58 29.09 6.85
CA ASP C 163 27.86 28.63 7.38
C ASP C 163 28.83 28.21 6.27
N ASN C 164 30.09 28.01 6.67
CA ASN C 164 31.16 27.57 5.79
C ASN C 164 30.96 26.12 5.33
N SER C 165 30.01 25.45 5.96
CA SER C 165 29.71 24.06 5.62
C SER C 165 28.94 23.96 4.31
N ARG C 166 29.01 22.79 3.68
CA ARG C 166 28.33 22.57 2.40
C ARG C 166 26.99 21.87 2.58
N ASP C 167 26.34 22.12 3.71
CA ASP C 167 25.04 21.52 3.99
C ASP C 167 23.94 22.24 3.23
N LYS C 168 22.86 21.53 2.97
CA LYS C 168 21.70 22.11 2.29
C LYS C 168 20.47 22.01 3.17
N ILE C 169 19.67 23.07 3.18
CA ILE C 169 18.37 23.01 3.85
C ILE C 169 17.29 22.61 2.85
N ARG C 170 16.66 21.48 3.10
CA ARG C 170 15.65 20.96 2.19
C ARG C 170 14.23 21.21 2.71
N VAL C 171 13.36 21.68 1.82
CA VAL C 171 11.95 21.85 2.14
C VAL C 171 11.11 21.05 1.15
N SER C 172 10.40 20.05 1.67
CA SER C 172 9.53 19.22 0.83
C SER C 172 8.07 19.55 1.04
N LYS C 173 7.33 19.68 -0.05
CA LYS C 173 5.91 20.03 0.01
C LYS C 173 5.07 19.15 -0.92
N ASN C 174 3.83 18.89 -0.56
CA ASN C 174 2.90 18.17 -1.43
C ASN C 174 2.66 18.90 -2.75
N GLN C 175 2.58 18.14 -3.83
CA GLN C 175 2.24 18.73 -5.13
C GLN C 175 0.76 19.06 -5.19
N SER C 176 -0.02 18.42 -4.32
CA SER C 176 -1.46 18.57 -4.29
C SER C 176 -1.93 19.86 -3.63
N ASP C 177 -1.72 19.95 -2.32
CA ASP C 177 -2.22 21.08 -1.54
C ASP C 177 -1.15 22.13 -1.23
N ASN C 178 0.11 21.69 -1.34
CA ASN C 178 1.31 22.49 -1.01
C ASN C 178 1.59 22.63 0.49
N GLN C 179 0.97 21.79 1.32
CA GLN C 179 1.32 21.78 2.74
C GLN C 179 2.69 21.13 2.96
N VAL C 180 3.46 21.70 3.88
CA VAL C 180 4.83 21.26 4.12
C VAL C 180 4.90 19.87 4.76
N LEU C 181 5.72 19.00 4.20
CA LEU C 181 5.91 17.65 4.73
C LEU C 181 7.10 17.60 5.67
N ALA C 182 8.15 18.36 5.31
CA ALA C 182 9.38 18.36 6.09
C ALA C 182 10.21 19.62 5.87
N CYS C 183 11.08 19.91 6.83
CA CYS C 183 12.03 21.00 6.72
C CYS C 183 13.28 20.64 7.50
N VAL C 184 14.28 20.11 6.81
CA VAL C 184 15.46 19.58 7.47
C VAL C 184 16.77 20.15 6.91
N LYS C 185 17.79 20.15 7.74
CA LYS C 185 19.14 20.53 7.33
C LYS C 185 19.97 19.25 7.28
N LYS C 186 20.39 18.86 6.07
CA LYS C 186 21.03 17.56 5.88
C LYS C 186 22.54 17.63 5.73
N ARG C 187 23.24 16.89 6.58
CA ARG C 187 24.68 16.73 6.46
C ARG C 187 25.05 15.28 6.12
N ARG C 188 25.96 15.12 5.17
CA ARG C 188 26.50 13.80 4.84
C ARG C 188 27.66 13.48 5.79
N VAL C 189 27.57 12.36 6.49
CA VAL C 189 28.61 11.98 7.44
C VAL C 189 29.63 11.00 6.84
N ALA C 190 29.14 9.85 6.39
CA ALA C 190 30.05 8.81 5.88
C ALA C 190 29.43 8.02 4.73
N ASP C 191 30.29 7.45 3.91
CA ASP C 191 29.86 6.62 2.78
C ASP C 191 30.69 5.34 2.74
N LEU C 192 30.08 4.27 2.25
CA LEU C 192 30.76 3.00 2.08
C LEU C 192 30.33 2.39 0.76
N PHE C 193 31.30 2.05 -0.08
CA PHE C 193 31.00 1.59 -1.43
C PHE C 193 31.22 0.10 -1.60
N LEU C 194 30.24 -0.57 -2.18
CA LEU C 194 30.35 -1.98 -2.51
C LEU C 194 30.37 -2.17 -4.02
N TYR C 195 31.52 -2.63 -4.53
CA TYR C 195 31.66 -2.91 -5.95
C TYR C 195 31.10 -4.29 -6.23
N CYS C 196 30.21 -4.38 -7.21
CA CYS C 196 29.49 -5.62 -7.48
C CYS C 196 29.62 -6.04 -8.95
N PRO C 197 30.77 -6.65 -9.29
CA PRO C 197 31.14 -7.02 -10.66
C PRO C 197 30.13 -7.92 -11.38
N ASN C 198 29.41 -8.76 -10.64
CA ASN C 198 28.48 -9.71 -11.25
C ASN C 198 27.11 -9.12 -11.58
N ASP C 199 26.89 -7.86 -11.23
CA ASP C 199 25.59 -7.25 -11.44
C ASP C 199 25.64 -5.92 -12.20
N ALA C 200 24.48 -5.38 -12.52
CA ALA C 200 24.38 -4.13 -13.26
C ALA C 200 24.56 -2.92 -12.36
N PHE C 201 24.51 -3.16 -11.05
CA PHE C 201 24.55 -2.07 -10.09
C PHE C 201 25.62 -2.24 -9.02
N ASP C 202 26.12 -1.10 -8.54
CA ASP C 202 26.97 -1.07 -7.37
C ASP C 202 26.19 -0.42 -6.23
N ILE C 203 26.66 -0.59 -5.00
CA ILE C 203 25.93 -0.11 -3.84
C ILE C 203 26.69 0.98 -3.09
N ARG C 204 25.97 1.99 -2.61
CA ARG C 204 26.56 3.03 -1.77
C ARG C 204 25.79 3.16 -0.46
N ILE C 205 26.45 2.79 0.64
CA ILE C 205 25.84 2.93 1.97
C ILE C 205 26.18 4.29 2.58
N SER C 206 25.18 5.16 2.65
CA SER C 206 25.38 6.51 3.15
C SER C 206 24.82 6.69 4.56
N ILE C 207 25.59 7.37 5.40
CA ILE C 207 25.12 7.77 6.72
C ILE C 207 25.01 9.29 6.76
N SER C 208 23.80 9.79 6.91
CA SER C 208 23.56 11.22 6.88
C SER C 208 22.97 11.71 8.21
N ASP C 209 22.90 13.04 8.37
CA ASP C 209 22.35 13.64 9.57
C ASP C 209 21.27 14.66 9.20
N GLU C 210 20.00 14.30 9.42
CA GLU C 210 18.89 15.16 9.06
C GLU C 210 18.28 15.88 10.26
N LEU C 211 18.78 17.08 10.54
CA LEU C 211 18.26 17.88 11.64
C LEU C 211 17.03 18.67 11.21
N PRO C 212 15.92 18.50 11.94
CA PRO C 212 14.74 19.35 11.72
C PRO C 212 15.05 20.82 12.06
N VAL C 213 14.82 21.71 11.11
CA VAL C 213 15.08 23.14 11.32
C VAL C 213 13.86 23.97 10.95
N SER C 214 13.88 25.24 11.33
CA SER C 214 12.79 26.15 11.02
C SER C 214 12.81 26.59 9.55
N MET C 215 11.65 27.02 9.06
CA MET C 215 11.50 27.43 7.67
C MET C 215 12.40 28.62 7.32
N PRO C 216 12.91 28.64 6.09
CA PRO C 216 13.69 29.78 5.58
C PRO C 216 12.80 31.01 5.40
N SER C 217 13.42 32.16 5.15
CA SER C 217 12.68 33.39 4.93
C SER C 217 12.08 33.41 3.53
N GLY C 218 11.00 34.17 3.35
CA GLY C 218 10.35 34.28 2.06
C GLY C 218 11.23 34.99 1.04
N ASN C 219 11.98 35.98 1.49
CA ASN C 219 12.87 36.74 0.61
C ASN C 219 14.21 36.05 0.41
N GLN C 220 14.17 34.76 0.09
CA GLN C 220 15.39 34.02 -0.20
C GLN C 220 15.17 33.04 -1.36
N GLN C 221 16.04 33.11 -2.37
CA GLN C 221 15.93 32.27 -3.54
C GLN C 221 16.48 30.87 -3.29
N PRO C 222 15.64 29.84 -3.53
CA PRO C 222 16.07 28.44 -3.39
C PRO C 222 17.14 28.07 -4.42
N SER C 223 18.18 27.38 -3.97
CA SER C 223 19.27 26.96 -4.84
C SER C 223 18.82 25.90 -5.84
N LEU C 224 17.73 25.21 -5.52
CA LEU C 224 17.22 24.13 -6.36
C LEU C 224 15.74 23.86 -6.12
N THR C 225 15.00 23.59 -7.19
CA THR C 225 13.57 23.29 -7.10
C THR C 225 13.18 22.22 -8.11
N ARG C 226 12.66 21.10 -7.61
CA ARG C 226 12.33 19.96 -8.45
C ARG C 226 11.12 19.17 -7.95
N LEU C 227 10.49 18.43 -8.86
CA LEU C 227 9.41 17.52 -8.49
C LEU C 227 10.00 16.15 -8.15
N LYS C 228 9.34 15.42 -7.25
CA LYS C 228 9.80 14.10 -6.87
C LYS C 228 8.65 13.10 -6.77
N ASP C 229 8.73 12.02 -7.54
CA ASP C 229 7.72 10.96 -7.50
C ASP C 229 8.27 9.74 -6.77
N ARG C 230 7.98 9.65 -5.47
CA ARG C 230 8.50 8.56 -4.65
C ARG C 230 7.48 7.45 -4.40
N VAL C 231 7.79 6.25 -4.89
CA VAL C 231 6.98 5.07 -4.62
C VAL C 231 7.65 4.26 -3.51
N GLY C 232 7.00 4.16 -2.36
CA GLY C 232 7.59 3.52 -1.20
C GLY C 232 7.00 2.16 -0.84
N TYR C 233 7.87 1.17 -0.76
CA TYR C 233 7.50 -0.15 -0.25
C TYR C 233 8.17 -0.35 1.11
N VAL C 234 7.45 -0.94 2.05
CA VAL C 234 8.02 -1.24 3.36
C VAL C 234 7.78 -2.69 3.75
N HIS C 235 8.84 -3.39 4.13
CA HIS C 235 8.74 -4.78 4.55
C HIS C 235 9.66 -5.03 5.75
N GLN C 236 9.07 -5.41 6.87
CA GLN C 236 9.81 -5.63 8.12
C GLN C 236 10.59 -4.39 8.54
N GLU C 237 9.96 -3.22 8.36
CA GLU C 237 10.56 -1.93 8.69
C GLU C 237 11.82 -1.62 7.88
N ILE C 238 11.98 -2.31 6.75
CA ILE C 238 13.00 -1.97 5.78
C ILE C 238 12.33 -1.25 4.63
N LYS C 239 12.74 -0.01 4.38
CA LYS C 239 12.10 0.82 3.36
C LYS C 239 12.79 0.68 2.00
N ILE C 240 11.99 0.41 0.98
CA ILE C 240 12.47 0.36 -0.39
C ILE C 240 11.81 1.48 -1.19
N ASP C 241 12.57 2.53 -1.50
CA ASP C 241 12.01 3.69 -2.18
C ASP C 241 12.42 3.75 -3.65
N LEU C 242 11.42 3.92 -4.51
CA LEU C 242 11.65 4.09 -5.94
C LEU C 242 11.32 5.52 -6.34
N THR C 243 12.36 6.35 -6.49
CA THR C 243 12.15 7.77 -6.74
C THR C 243 12.39 8.18 -8.18
N LYS C 244 11.61 9.15 -8.65
CA LYS C 244 11.76 9.71 -9.98
C LYS C 244 11.65 11.22 -9.91
N THR C 245 12.79 11.90 -9.94
CA THR C 245 12.82 13.36 -9.80
C THR C 245 12.86 14.06 -11.16
N THR C 246 12.13 15.17 -11.24
CA THR C 246 12.08 15.95 -12.49
C THR C 246 12.59 17.37 -12.25
N GLN C 247 13.62 17.75 -13.00
CA GLN C 247 14.29 19.04 -12.81
C GLN C 247 13.61 20.17 -13.57
N ASN C 248 13.12 21.16 -12.84
CA ASN C 248 12.44 22.31 -13.44
C ASN C 248 13.40 23.25 -14.16
N THR C 254 14.30 19.68 -19.94
CA THR C 254 14.22 19.22 -18.55
C THR C 254 14.89 17.85 -18.39
N THR C 255 15.34 17.55 -17.18
CA THR C 255 16.08 16.32 -16.94
C THR C 255 15.43 15.44 -15.86
N GLU C 256 15.39 14.14 -16.12
CA GLU C 256 14.79 13.18 -15.19
C GLU C 256 15.84 12.27 -14.55
N ARG C 257 15.62 11.93 -13.29
CA ARG C 257 16.59 11.16 -12.52
C ARG C 257 15.91 10.03 -11.75
N HIS C 258 16.18 8.79 -12.15
CA HIS C 258 15.54 7.61 -11.55
C HIS C 258 16.46 6.90 -10.57
N GLU C 259 15.99 6.70 -9.34
CA GLU C 259 16.80 6.08 -8.30
C GLU C 259 16.07 4.97 -7.53
N LEU C 260 16.84 4.12 -6.88
CA LEU C 260 16.29 3.14 -5.92
C LEU C 260 17.12 3.19 -4.65
N GLU C 261 16.47 3.41 -3.52
CA GLU C 261 17.17 3.44 -2.25
C GLU C 261 16.54 2.48 -1.24
N VAL C 262 17.37 1.93 -0.37
CA VAL C 262 16.93 1.02 0.68
C VAL C 262 17.44 1.51 2.02
N GLU C 263 16.54 1.86 2.93
CA GLU C 263 16.95 2.38 4.23
C GLU C 263 16.33 1.69 5.43
N PHE C 264 17.03 1.77 6.56
CA PHE C 264 16.53 1.25 7.82
C PHE C 264 15.41 2.15 8.32
N GLY C 265 14.20 1.59 8.41
CA GLY C 265 13.02 2.37 8.77
C GLY C 265 12.83 2.58 10.26
N ASN C 266 13.51 1.78 11.08
CA ASN C 266 13.41 1.89 12.53
C ASN C 266 14.77 2.09 13.17
N ILE C 267 15.25 3.33 13.15
CA ILE C 267 16.58 3.66 13.66
C ILE C 267 16.74 3.38 15.16
N ALA C 268 15.75 3.79 15.94
CA ALA C 268 15.77 3.59 17.39
C ALA C 268 16.05 2.14 17.77
N ASP C 269 15.36 1.22 17.09
CA ASP C 269 15.54 -0.20 17.35
C ASP C 269 16.93 -0.65 16.89
N LEU C 270 17.38 -0.12 15.75
CA LEU C 270 18.70 -0.45 15.22
C LEU C 270 19.79 0.06 16.16
N ARG C 271 19.60 1.26 16.70
CA ARG C 271 20.53 1.83 17.67
C ARG C 271 20.64 0.95 18.91
N ASP C 272 19.52 0.39 19.33
CA ASP C 272 19.48 -0.51 20.46
C ASP C 272 20.29 -1.78 20.18
N ARG C 273 20.16 -2.30 18.97
CA ARG C 273 20.89 -3.49 18.55
C ARG C 273 22.38 -3.21 18.47
N ALA C 274 22.74 -1.99 18.07
CA ALA C 274 24.13 -1.58 17.97
C ALA C 274 24.76 -1.52 19.35
N GLN C 275 23.97 -1.12 20.34
CA GLN C 275 24.44 -1.03 21.72
C GLN C 275 24.73 -2.42 22.29
N LYS C 276 23.80 -3.34 22.08
CA LYS C 276 23.97 -4.71 22.55
C LYS C 276 25.18 -5.37 21.90
N ALA C 277 25.43 -5.04 20.64
CA ALA C 277 26.58 -5.55 19.92
C ALA C 277 27.87 -5.11 20.60
N LYS C 278 27.94 -3.82 20.92
CA LYS C 278 29.10 -3.23 21.57
C LYS C 278 29.33 -3.84 22.96
N ASP C 279 28.29 -4.47 23.51
CA ASP C 279 28.36 -5.04 24.86
C ASP C 279 28.47 -6.56 24.84
N GLY C 280 28.63 -7.14 23.66
CA GLY C 280 28.82 -8.58 23.53
C GLY C 280 27.75 -9.28 22.71
N MET C 281 26.49 -9.11 23.11
CA MET C 281 25.38 -9.72 22.38
C MET C 281 25.17 -9.03 21.03
N GLU C 282 25.85 -9.52 20.01
CA GLU C 282 25.82 -8.87 18.70
C GLU C 282 25.00 -9.62 17.66
N ALA C 283 24.37 -10.71 18.07
CA ALA C 283 23.49 -11.47 17.18
C ALA C 283 22.33 -10.66 16.58
N PRO C 284 21.57 -9.91 17.41
CA PRO C 284 20.45 -9.18 16.82
C PRO C 284 20.87 -8.10 15.82
N LEU C 285 22.02 -7.46 16.01
CA LEU C 285 22.50 -6.48 15.05
C LEU C 285 22.85 -7.16 13.73
N PHE C 286 23.61 -8.25 13.83
CA PHE C 286 23.99 -9.03 12.65
C PHE C 286 22.79 -9.47 11.84
N ARG C 287 21.78 -10.00 12.53
CA ARG C 287 20.55 -10.46 11.91
C ARG C 287 19.89 -9.32 11.14
N ARG C 288 20.02 -8.11 11.67
CA ARG C 288 19.34 -6.94 11.12
C ARG C 288 20.01 -6.37 9.87
N VAL C 289 21.34 -6.28 9.86
CA VAL C 289 22.04 -5.80 8.68
C VAL C 289 22.10 -6.87 7.59
N GLN C 290 22.03 -8.13 8.02
CA GLN C 290 21.99 -9.24 7.07
C GLN C 290 20.70 -9.18 6.26
N LEU C 291 19.60 -8.88 6.94
CA LEU C 291 18.32 -8.69 6.27
C LEU C 291 18.42 -7.54 5.28
N PHE C 292 18.91 -6.41 5.77
CA PHE C 292 19.09 -5.21 4.96
C PHE C 292 19.89 -5.49 3.70
N MET C 293 21.06 -6.07 3.87
CA MET C 293 21.96 -6.34 2.74
C MET C 293 21.39 -7.35 1.77
N ASP C 294 20.66 -8.35 2.29
CA ASP C 294 20.05 -9.36 1.43
C ASP C 294 18.93 -8.78 0.57
N ASN C 295 18.18 -7.83 1.14
CA ASN C 295 17.17 -7.11 0.37
C ASN C 295 17.83 -6.29 -0.73
N VAL C 296 18.87 -5.54 -0.34
CA VAL C 296 19.68 -4.77 -1.27
C VAL C 296 20.19 -5.66 -2.40
N ARG C 297 20.69 -6.84 -2.03
CA ARG C 297 21.23 -7.78 -2.99
C ARG C 297 20.19 -8.28 -4.00
N ILE C 298 18.99 -8.58 -3.51
CA ILE C 298 17.92 -9.06 -4.39
C ILE C 298 17.58 -8.05 -5.48
N LEU C 299 17.39 -6.79 -5.06
CA LEU C 299 17.06 -5.72 -5.99
C LEU C 299 18.21 -5.45 -6.96
N ARG C 300 19.43 -5.69 -6.51
CA ARG C 300 20.62 -5.42 -7.29
C ARG C 300 20.80 -6.43 -8.42
N ARG C 301 20.31 -7.65 -8.19
CA ARG C 301 20.46 -8.73 -9.16
C ARG C 301 19.32 -8.74 -10.18
N GLU C 302 18.34 -7.87 -9.95
CA GLU C 302 17.17 -7.81 -10.82
C GLU C 302 17.40 -6.86 -11.99
N HIS C 303 17.63 -7.45 -13.17
CA HIS C 303 17.95 -6.67 -14.37
C HIS C 303 17.81 -7.54 -15.61
N SER C 304 17.34 -6.94 -16.70
CA SER C 304 17.14 -7.67 -17.95
C SER C 304 18.45 -8.24 -18.50
N ALA D 41 -0.70 -19.39 9.69
CA ALA D 41 0.52 -19.33 10.50
C ALA D 41 1.48 -18.28 9.95
N VAL D 42 1.91 -17.37 10.82
CA VAL D 42 2.79 -16.29 10.42
C VAL D 42 4.08 -16.30 11.23
N PRO D 43 5.24 -16.35 10.53
CA PRO D 43 6.55 -16.42 11.17
C PRO D 43 6.90 -15.16 11.95
N LYS D 44 7.89 -15.26 12.82
CA LYS D 44 8.33 -14.11 13.60
C LYS D 44 9.11 -13.15 12.70
N ILE D 45 9.99 -13.71 11.88
CA ILE D 45 10.78 -12.93 10.92
C ILE D 45 10.91 -13.67 9.59
N GLU D 46 11.21 -12.92 8.54
CA GLU D 46 11.51 -13.51 7.24
C GLU D 46 12.94 -13.15 6.83
N MET D 47 13.56 -14.01 6.02
CA MET D 47 14.97 -13.83 5.65
C MET D 47 15.19 -12.65 4.71
N ASN D 48 14.18 -12.35 3.91
CA ASN D 48 14.20 -11.21 2.99
C ASN D 48 12.80 -10.99 2.44
N PHE D 49 12.59 -9.92 1.68
CA PHE D 49 11.24 -9.57 1.23
C PHE D 49 10.65 -10.57 0.22
N LEU D 50 11.46 -11.51 -0.24
CA LEU D 50 10.98 -12.57 -1.11
C LEU D 50 10.67 -13.83 -0.33
N ASN D 51 11.17 -13.90 0.90
CA ASN D 51 11.04 -15.07 1.76
C ASN D 51 11.61 -16.35 1.14
N LYS D 52 12.59 -16.18 0.25
CA LYS D 52 13.30 -17.33 -0.30
C LYS D 52 14.80 -17.13 -0.15
N PRO D 53 15.54 -18.23 0.07
CA PRO D 53 16.99 -18.13 0.23
C PRO D 53 17.65 -17.61 -1.03
N ILE D 54 18.73 -16.85 -0.87
CA ILE D 54 19.50 -16.37 -2.02
C ILE D 54 20.93 -16.86 -1.92
N VAL D 55 21.53 -17.14 -3.07
CA VAL D 55 22.90 -17.62 -3.12
C VAL D 55 23.87 -16.45 -3.00
N PRO D 56 24.85 -16.57 -2.10
CA PRO D 56 25.91 -15.57 -2.00
C PRO D 56 26.72 -15.49 -3.29
N ASP D 57 27.35 -14.35 -3.53
CA ASP D 57 28.15 -14.13 -4.74
C ASP D 57 29.30 -15.12 -4.82
N THR D 58 30.09 -15.18 -3.75
CA THR D 58 31.25 -16.07 -3.68
C THR D 58 30.87 -17.52 -3.97
N THR D 59 29.82 -18.00 -3.32
CA THR D 59 29.36 -19.37 -3.47
C THR D 59 29.01 -19.70 -4.92
N LYS D 60 28.30 -18.79 -5.58
CA LYS D 60 27.92 -18.97 -6.98
C LYS D 60 29.14 -19.02 -7.90
N VAL D 61 30.10 -18.13 -7.65
CA VAL D 61 31.32 -18.06 -8.46
C VAL D 61 32.16 -19.33 -8.34
N ILE D 62 32.47 -19.73 -7.11
CA ILE D 62 33.25 -20.93 -6.86
C ILE D 62 32.57 -22.17 -7.45
N SER D 63 31.24 -22.21 -7.38
CA SER D 63 30.49 -23.30 -7.96
C SER D 63 30.71 -23.38 -9.47
N ASN D 64 30.77 -22.23 -10.12
CA ASN D 64 31.09 -22.16 -11.54
C ASN D 64 32.50 -22.68 -11.80
N PHE D 65 33.42 -22.30 -10.93
CA PHE D 65 34.81 -22.72 -11.01
C PHE D 65 34.94 -24.24 -10.94
N LEU D 66 34.25 -24.84 -9.97
CA LEU D 66 34.29 -26.29 -9.80
C LEU D 66 33.58 -27.02 -10.94
N THR D 67 32.39 -26.56 -11.29
CA THR D 67 31.59 -27.19 -12.34
C THR D 67 32.35 -27.26 -13.67
N HIS D 68 33.17 -26.26 -13.93
CA HIS D 68 33.94 -26.19 -15.16
C HIS D 68 34.96 -27.32 -15.25
N TYR D 69 35.74 -27.50 -14.19
CA TYR D 69 36.79 -28.51 -14.19
C TYR D 69 36.30 -29.87 -13.71
N LEU D 70 34.99 -30.00 -13.57
CA LEU D 70 34.38 -31.28 -13.21
C LEU D 70 33.50 -31.81 -14.33
N ILE D 71 32.89 -30.89 -15.10
CA ILE D 71 31.91 -31.28 -16.11
C ILE D 71 32.26 -30.80 -17.52
N THR D 72 32.41 -29.49 -17.69
CA THR D 72 32.63 -28.89 -19.00
C THR D 72 33.91 -29.42 -19.66
N GLU D 73 35.06 -29.10 -19.07
CA GLU D 73 36.33 -29.68 -19.49
C GLU D 73 36.85 -30.55 -18.35
N PRO D 74 36.26 -31.73 -18.18
CA PRO D 74 36.44 -32.57 -16.98
C PRO D 74 37.88 -32.99 -16.72
N VAL D 75 38.19 -33.19 -15.44
CA VAL D 75 39.49 -33.72 -15.03
C VAL D 75 39.28 -35.11 -14.45
N GLU D 76 40.02 -36.09 -14.97
CA GLU D 76 39.85 -37.48 -14.57
C GLU D 76 40.16 -37.72 -13.10
N HIS D 77 41.43 -37.59 -12.73
CA HIS D 77 41.86 -37.80 -11.35
C HIS D 77 42.00 -36.47 -10.63
N VAL D 78 40.86 -35.87 -10.29
CA VAL D 78 40.83 -34.51 -9.77
C VAL D 78 40.93 -34.42 -8.25
N GLU D 79 41.81 -33.54 -7.78
CA GLU D 79 41.86 -33.19 -6.36
C GLU D 79 41.49 -31.72 -6.21
N ILE D 80 40.53 -31.45 -5.32
CA ILE D 80 40.10 -30.07 -5.07
C ILE D 80 40.30 -29.72 -3.60
N GLU D 81 41.25 -28.84 -3.32
CA GLU D 81 41.54 -28.47 -1.94
C GLU D 81 41.80 -26.99 -1.73
N ALA D 82 41.71 -26.57 -0.48
CA ALA D 82 41.92 -25.17 -0.10
C ALA D 82 42.97 -25.11 0.99
N LYS D 83 43.90 -24.18 0.86
CA LYS D 83 44.99 -24.05 1.83
C LYS D 83 45.04 -22.69 2.49
N LEU D 84 45.24 -22.69 3.79
CA LEU D 84 45.54 -21.47 4.52
C LEU D 84 46.97 -21.06 4.22
N GLY D 85 47.21 -19.77 4.08
CA GLY D 85 48.54 -19.27 3.78
C GLY D 85 48.58 -17.76 3.67
N THR D 86 49.56 -17.25 2.95
CA THR D 86 49.71 -15.81 2.79
C THR D 86 49.86 -15.42 1.33
N LEU D 87 49.19 -14.32 0.95
CA LEU D 87 49.37 -13.74 -0.38
C LEU D 87 50.50 -12.70 -0.33
N ILE D 88 51.59 -12.98 -1.04
CA ILE D 88 52.76 -12.11 -1.01
C ILE D 88 52.80 -11.18 -2.21
N ASP D 89 52.99 -9.88 -1.95
CA ASP D 89 53.24 -8.92 -3.00
C ASP D 89 54.68 -9.10 -3.48
N LEU D 90 54.84 -9.49 -4.74
CA LEU D 90 56.16 -9.80 -5.29
C LEU D 90 57.15 -8.64 -5.22
N GLU D 91 56.65 -7.42 -5.06
CA GLU D 91 57.52 -6.25 -4.98
C GLU D 91 57.93 -5.93 -3.56
N THR D 92 56.96 -5.88 -2.64
CA THR D 92 57.23 -5.54 -1.25
C THR D 92 57.74 -6.74 -0.47
N GLN D 93 57.48 -7.94 -1.01
CA GLN D 93 57.82 -9.20 -0.35
C GLN D 93 57.17 -9.34 1.02
N ASN D 94 56.08 -8.60 1.22
CA ASN D 94 55.25 -8.75 2.41
C ASN D 94 53.85 -9.18 1.99
N ARG D 95 52.92 -9.19 2.94
CA ARG D 95 51.56 -9.59 2.62
C ARG D 95 50.89 -8.58 1.68
N PHE D 96 50.11 -9.09 0.74
CA PHE D 96 49.38 -8.29 -0.23
C PHE D 96 48.49 -7.25 0.44
N GLU D 97 48.62 -5.99 0.02
CA GLU D 97 47.82 -4.90 0.56
C GLU D 97 46.81 -4.41 -0.49
N PHE D 98 45.64 -5.04 -0.51
CA PHE D 98 44.59 -4.74 -1.49
C PHE D 98 43.51 -3.91 -0.81
N PRO D 99 43.01 -2.87 -1.50
CA PRO D 99 42.07 -1.93 -0.88
C PRO D 99 40.64 -2.46 -0.79
N VAL D 100 40.48 -3.60 -0.11
CA VAL D 100 39.15 -4.15 0.13
C VAL D 100 38.99 -4.43 1.63
N MET D 101 37.75 -4.58 2.08
CA MET D 101 37.49 -4.77 3.51
C MET D 101 36.78 -6.09 3.84
N ASN D 102 36.76 -7.01 2.89
CA ASN D 102 36.18 -8.33 3.14
C ASN D 102 36.81 -9.42 2.28
N GLU D 103 36.49 -10.67 2.60
CA GLU D 103 36.94 -11.81 1.82
C GLU D 103 36.57 -11.62 0.35
N THR D 104 37.56 -11.60 -0.52
CA THR D 104 37.31 -11.30 -1.93
C THR D 104 38.07 -12.20 -2.91
N ILE D 105 37.35 -12.73 -3.88
CA ILE D 105 37.94 -13.58 -4.92
C ILE D 105 38.64 -12.74 -5.98
N LEU D 106 39.96 -12.90 -6.09
CA LEU D 106 40.72 -12.19 -7.11
C LEU D 106 40.39 -12.74 -8.50
N ASN D 107 40.45 -11.87 -9.50
CA ASN D 107 40.25 -12.28 -10.88
C ASN D 107 41.56 -12.80 -11.45
N PRO D 108 41.60 -14.10 -11.79
CA PRO D 108 42.82 -14.73 -12.30
C PRO D 108 43.26 -14.18 -13.66
N GLU D 109 42.36 -13.52 -14.37
CA GLU D 109 42.66 -12.98 -15.69
C GLU D 109 43.57 -11.75 -15.62
N PHE D 110 43.39 -10.95 -14.57
CA PHE D 110 44.31 -9.85 -14.31
C PHE D 110 45.57 -10.37 -13.66
N ASN D 111 46.72 -9.88 -14.10
CA ASN D 111 47.98 -10.22 -13.44
C ASN D 111 48.20 -9.26 -12.27
N LEU D 112 48.35 -9.81 -11.07
CA LEU D 112 48.45 -8.99 -9.87
C LEU D 112 49.82 -9.07 -9.20
N ARG D 113 50.82 -9.52 -9.94
CA ARG D 113 52.20 -9.71 -9.44
C ARG D 113 52.26 -10.25 -8.01
N THR D 114 51.73 -11.45 -7.82
CA THR D 114 51.58 -12.00 -6.48
C THR D 114 51.98 -13.47 -6.43
N ARG D 115 52.22 -13.99 -5.23
CA ARG D 115 52.52 -15.41 -5.04
C ARG D 115 51.95 -15.89 -3.70
N PHE D 116 51.60 -17.17 -3.63
CA PHE D 116 50.96 -17.72 -2.44
C PHE D 116 51.89 -18.60 -1.61
N GLU D 117 52.08 -18.23 -0.36
CA GLU D 117 52.91 -18.98 0.57
C GLU D 117 52.06 -19.87 1.47
N SER D 118 52.13 -21.19 1.25
CA SER D 118 51.36 -22.14 2.03
C SER D 118 52.12 -22.58 3.27
N ASP D 119 52.21 -21.70 4.25
CA ASP D 119 52.98 -21.97 5.46
C ASP D 119 52.61 -21.03 6.60
N MET D 120 52.58 -21.58 7.82
CA MET D 120 52.31 -20.80 9.02
C MET D 120 53.29 -21.20 10.11
N THR D 121 53.42 -20.37 11.14
CA THR D 121 54.32 -20.67 12.25
C THR D 121 53.77 -21.83 13.06
N ALA D 122 54.66 -22.53 13.78
CA ALA D 122 54.26 -23.66 14.60
C ALA D 122 53.26 -23.26 15.69
N SER D 123 53.44 -22.05 16.20
CA SER D 123 52.55 -21.52 17.23
C SER D 123 51.12 -21.44 16.71
N GLU D 124 50.96 -20.94 15.48
CA GLU D 124 49.65 -20.84 14.85
C GLU D 124 49.12 -22.23 14.49
N HIS D 125 50.02 -23.10 14.06
CA HIS D 125 49.65 -24.47 13.69
C HIS D 125 49.13 -25.24 14.89
N LYS D 126 49.78 -25.04 16.03
CA LYS D 126 49.38 -25.68 17.28
C LYS D 126 48.02 -25.14 17.74
N TYR D 127 47.85 -23.84 17.57
CA TYR D 127 46.61 -23.16 17.94
C TYR D 127 45.43 -23.76 17.20
N LEU D 128 45.57 -23.92 15.89
CA LEU D 128 44.55 -24.53 15.06
C LEU D 128 44.32 -25.99 15.42
N ASN D 129 45.38 -26.65 15.88
CA ASN D 129 45.29 -28.05 16.27
C ASN D 129 44.41 -28.23 17.51
N GLU D 130 44.65 -27.40 18.52
CA GLU D 130 43.87 -27.44 19.75
C GLU D 130 42.41 -27.10 19.49
N PHE D 131 42.18 -26.09 18.65
CA PHE D 131 40.83 -25.69 18.26
C PHE D 131 40.07 -26.86 17.63
N LEU D 132 40.70 -27.52 16.67
CA LEU D 132 40.09 -28.65 15.98
C LEU D 132 39.88 -29.84 16.92
N ASN D 133 40.80 -30.00 17.87
CA ASN D 133 40.66 -31.05 18.88
C ASN D 133 39.43 -30.81 19.74
N GLN D 134 39.23 -29.55 20.13
CA GLN D 134 38.05 -29.18 20.91
C GLN D 134 36.81 -29.40 20.07
N ALA D 135 36.87 -28.97 18.81
CA ALA D 135 35.76 -29.15 17.87
C ALA D 135 35.45 -30.63 17.66
N PHE D 136 36.49 -31.46 17.73
CA PHE D 136 36.33 -32.91 17.58
C PHE D 136 35.50 -33.50 18.71
N ARG D 137 35.82 -33.11 19.93
CA ARG D 137 35.12 -33.62 21.11
C ARG D 137 33.67 -33.16 21.17
N ASP D 138 33.44 -31.92 20.74
CA ASP D 138 32.08 -31.36 20.74
C ASP D 138 31.17 -32.11 19.78
N SER D 139 31.76 -32.75 18.78
CA SER D 139 30.99 -33.50 17.80
C SER D 139 30.76 -34.94 18.25
N GLN D 140 31.34 -35.29 19.40
CA GLN D 140 31.15 -36.61 19.97
C GLN D 140 29.88 -36.63 20.82
N LYS D 141 29.49 -35.44 21.28
CA LYS D 141 28.29 -35.26 22.10
C LYS D 141 27.03 -35.76 21.37
N PRO D 142 25.99 -36.10 22.14
CA PRO D 142 24.73 -36.59 21.55
C PRO D 142 24.03 -35.54 20.68
N GLY D 143 23.43 -35.98 19.58
CA GLY D 143 22.72 -35.09 18.69
C GLY D 143 23.59 -34.55 17.57
N ARG D 144 24.90 -34.52 17.80
CA ARG D 144 25.86 -34.01 16.83
C ARG D 144 26.25 -35.07 15.81
N LEU D 145 26.74 -34.63 14.66
CA LEU D 145 27.39 -35.52 13.72
C LEU D 145 28.84 -35.69 14.14
N PRO D 146 29.31 -36.93 14.27
CA PRO D 146 30.66 -37.18 14.77
C PRO D 146 31.77 -36.87 13.77
N PHE D 147 32.84 -36.28 14.27
CA PHE D 147 34.07 -36.09 13.52
C PHE D 147 34.78 -37.43 13.42
N ALA D 148 35.67 -37.56 12.44
CA ALA D 148 36.57 -38.71 12.38
C ALA D 148 38.00 -38.20 12.46
N TYR D 149 38.86 -38.95 13.15
CA TYR D 149 40.23 -38.51 13.40
C TYR D 149 41.24 -39.53 12.86
N LYS D 150 42.30 -39.03 12.24
CA LYS D 150 43.40 -39.88 11.79
C LYS D 150 44.73 -39.19 12.09
N HIS D 151 45.72 -39.98 12.51
CA HIS D 151 47.06 -39.45 12.71
C HIS D 151 48.08 -40.42 12.13
N THR D 152 48.77 -39.98 11.09
CA THR D 152 49.73 -40.83 10.38
C THR D 152 51.02 -40.09 10.08
N LYS D 153 52.11 -40.85 10.04
CA LYS D 153 53.39 -40.34 9.56
C LYS D 153 53.74 -41.01 8.24
N GLN D 154 53.97 -40.22 7.22
CA GLN D 154 54.28 -40.77 5.92
C GLN D 154 55.54 -40.15 5.32
N VAL D 155 56.13 -40.84 4.35
CA VAL D 155 57.31 -40.36 3.66
C VAL D 155 56.96 -40.09 2.20
N ASP D 156 57.33 -38.92 1.70
CA ASP D 156 57.10 -38.58 0.31
C ASP D 156 58.41 -38.61 -0.47
N LEU D 157 58.46 -39.48 -1.47
CA LEU D 157 59.64 -39.61 -2.31
C LEU D 157 59.38 -39.05 -3.70
N PHE D 158 60.21 -38.08 -4.11
CA PHE D 158 60.04 -37.45 -5.41
C PHE D 158 61.11 -37.91 -6.39
N TYR D 159 60.67 -38.43 -7.53
CA TYR D 159 61.59 -38.94 -8.55
C TYR D 159 61.50 -38.12 -9.83
N GLU D 160 62.57 -38.17 -10.63
CA GLU D 160 62.63 -37.39 -11.87
C GLU D 160 62.02 -38.13 -13.07
N THR D 161 61.75 -37.37 -14.13
CA THR D 161 61.12 -37.90 -15.34
C THR D 161 62.11 -38.05 -16.48
N GLU D 162 61.69 -38.77 -17.51
CA GLU D 162 62.46 -38.86 -18.75
C GLU D 162 61.89 -37.92 -19.79
N SER D 165 60.89 -32.34 -19.92
CA SER D 165 59.73 -32.17 -19.06
C SER D 165 60.14 -31.96 -17.61
N ARG D 166 59.43 -31.07 -16.92
CA ARG D 166 59.74 -30.75 -15.54
C ARG D 166 58.78 -31.39 -14.55
N ASP D 167 58.03 -32.39 -15.02
CA ASP D 167 57.15 -33.14 -14.14
C ASP D 167 57.97 -33.96 -13.15
N LYS D 168 57.29 -34.54 -12.16
CA LYS D 168 57.95 -35.41 -11.19
C LYS D 168 57.00 -36.52 -10.76
N ILE D 169 57.55 -37.67 -10.39
CA ILE D 169 56.76 -38.78 -9.87
C ILE D 169 56.88 -38.83 -8.35
N ARG D 170 55.74 -38.75 -7.67
CA ARG D 170 55.72 -38.80 -6.22
C ARG D 170 55.33 -40.19 -5.72
N VAL D 171 56.19 -40.75 -4.87
CA VAL D 171 55.88 -42.01 -4.21
C VAL D 171 55.64 -41.76 -2.73
N SER D 172 54.41 -42.03 -2.28
CA SER D 172 54.07 -41.81 -0.88
C SER D 172 54.06 -43.12 -0.09
N LYS D 173 54.83 -43.14 0.98
CA LYS D 173 54.98 -44.34 1.80
C LYS D 173 54.43 -44.13 3.19
N ASN D 174 53.74 -45.13 3.73
CA ASN D 174 53.36 -45.10 5.13
C ASN D 174 54.55 -45.51 5.98
N GLN D 175 55.15 -44.55 6.68
CA GLN D 175 56.34 -44.78 7.49
C GLN D 175 56.14 -45.88 8.54
N SER D 176 54.88 -46.18 8.84
CA SER D 176 54.54 -47.13 9.89
C SER D 176 54.55 -48.59 9.42
N ASP D 177 54.46 -48.81 8.11
CA ASP D 177 54.48 -50.18 7.57
C ASP D 177 55.04 -50.27 6.15
N ASN D 178 55.62 -49.17 5.67
CA ASN D 178 56.34 -49.13 4.40
C ASN D 178 55.50 -49.45 3.16
N GLN D 179 54.18 -49.33 3.28
CA GLN D 179 53.30 -49.57 2.15
C GLN D 179 53.18 -48.32 1.27
N VAL D 180 52.85 -48.52 0.00
CA VAL D 180 52.75 -47.40 -0.94
C VAL D 180 51.33 -46.86 -1.04
N LEU D 181 51.12 -45.69 -0.44
CA LEU D 181 49.82 -45.02 -0.49
C LEU D 181 49.50 -44.60 -1.92
N ALA D 182 50.40 -43.81 -2.50
CA ALA D 182 50.19 -43.28 -3.85
C ALA D 182 51.48 -43.26 -4.66
N CYS D 183 51.32 -43.41 -5.98
CA CYS D 183 52.43 -43.26 -6.91
C CYS D 183 51.93 -42.52 -8.14
N VAL D 184 52.08 -41.20 -8.12
CA VAL D 184 51.43 -40.35 -9.13
C VAL D 184 52.32 -39.24 -9.68
N LYS D 185 51.89 -38.71 -10.84
CA LYS D 185 52.43 -37.48 -11.38
C LYS D 185 51.43 -36.37 -11.13
N LYS D 186 51.74 -35.44 -10.24
CA LYS D 186 50.81 -34.38 -9.88
C LYS D 186 50.99 -33.15 -10.76
N ARG D 187 49.90 -32.73 -11.40
CA ARG D 187 49.90 -31.55 -12.26
C ARG D 187 48.84 -30.55 -11.83
N ARG D 188 49.26 -29.33 -11.52
CA ARG D 188 48.32 -28.29 -11.12
C ARG D 188 47.52 -27.80 -12.32
N VAL D 189 46.20 -27.74 -12.17
CA VAL D 189 45.32 -27.33 -13.25
C VAL D 189 44.99 -25.84 -13.18
N ALA D 190 44.18 -25.47 -12.19
CA ALA D 190 43.82 -24.08 -11.98
C ALA D 190 43.92 -23.71 -10.51
N ASP D 191 44.09 -22.42 -10.24
CA ASP D 191 44.10 -21.90 -8.88
C ASP D 191 43.12 -20.75 -8.75
N LEU D 192 42.58 -20.58 -7.55
CA LEU D 192 41.67 -19.48 -7.27
C LEU D 192 41.96 -18.95 -5.87
N PHE D 193 42.34 -17.68 -5.79
CA PHE D 193 42.80 -17.11 -4.53
C PHE D 193 41.74 -16.20 -3.91
N LEU D 194 41.60 -16.30 -2.59
CA LEU D 194 40.70 -15.42 -1.85
C LEU D 194 41.49 -14.55 -0.89
N TYR D 195 41.44 -13.24 -1.12
CA TYR D 195 42.12 -12.29 -0.25
C TYR D 195 41.24 -11.96 0.94
N CYS D 196 41.78 -12.17 2.15
CA CYS D 196 40.99 -12.03 3.37
C CYS D 196 41.64 -11.05 4.35
N PRO D 197 41.44 -9.75 4.11
CA PRO D 197 42.07 -8.65 4.86
C PRO D 197 41.76 -8.64 6.34
N ASN D 198 40.64 -9.23 6.75
CA ASN D 198 40.25 -9.21 8.15
C ASN D 198 40.85 -10.35 8.98
N ASP D 199 41.42 -11.33 8.29
CA ASP D 199 41.98 -12.50 8.96
C ASP D 199 43.50 -12.59 8.78
N ALA D 200 44.09 -13.64 9.35
CA ALA D 200 45.55 -13.80 9.31
C ALA D 200 46.00 -14.58 8.08
N PHE D 201 45.09 -15.35 7.50
CA PHE D 201 45.43 -16.16 6.33
C PHE D 201 44.62 -15.76 5.10
N ASP D 202 45.20 -16.02 3.94
CA ASP D 202 44.44 -15.97 2.69
C ASP D 202 44.22 -17.41 2.24
N ILE D 203 43.34 -17.60 1.28
CA ILE D 203 42.97 -18.94 0.84
C ILE D 203 43.35 -19.17 -0.62
N ARG D 204 43.98 -20.32 -0.87
CA ARG D 204 44.21 -20.74 -2.25
C ARG D 204 43.39 -22.00 -2.53
N ILE D 205 42.59 -21.95 -3.58
CA ILE D 205 41.80 -23.10 -3.97
C ILE D 205 42.42 -23.75 -5.20
N SER D 206 43.05 -24.91 -4.99
CA SER D 206 43.75 -25.60 -6.07
C SER D 206 42.93 -26.73 -6.65
N ILE D 207 42.86 -26.77 -7.97
CA ILE D 207 42.34 -27.94 -8.67
C ILE D 207 43.53 -28.65 -9.30
N SER D 208 43.75 -29.90 -8.91
CA SER D 208 44.91 -30.65 -9.39
C SER D 208 44.53 -31.95 -10.09
N ASP D 209 45.52 -32.56 -10.73
CA ASP D 209 45.31 -33.81 -11.44
C ASP D 209 46.40 -34.80 -11.04
N GLU D 210 46.02 -35.83 -10.30
CA GLU D 210 46.97 -36.85 -9.84
C GLU D 210 46.89 -38.11 -10.68
N LEU D 211 47.68 -38.15 -11.75
CA LEU D 211 47.71 -39.29 -12.65
C LEU D 211 48.52 -40.46 -12.09
N PRO D 212 47.88 -41.61 -11.88
CA PRO D 212 48.57 -42.82 -11.40
C PRO D 212 49.62 -43.29 -12.40
N VAL D 213 50.83 -43.53 -11.92
CA VAL D 213 51.95 -43.90 -12.78
C VAL D 213 52.69 -45.09 -12.16
N SER D 214 53.25 -45.95 -13.01
CA SER D 214 54.09 -47.04 -12.54
C SER D 214 55.32 -46.52 -11.80
N MET D 215 55.80 -47.30 -10.84
CA MET D 215 56.96 -46.95 -10.02
C MET D 215 58.21 -46.76 -10.88
N PRO D 216 59.13 -45.86 -10.44
CA PRO D 216 60.35 -45.55 -11.19
C PRO D 216 61.20 -46.77 -11.54
N SER D 217 62.05 -46.64 -12.54
CA SER D 217 62.80 -47.76 -13.10
C SER D 217 63.91 -48.26 -12.17
N GLY D 218 64.01 -49.57 -12.04
CA GLY D 218 65.04 -50.21 -11.23
C GLY D 218 65.08 -49.68 -9.80
N ASN D 219 66.28 -49.45 -9.29
CA ASN D 219 66.42 -48.79 -8.00
C ASN D 219 67.03 -47.40 -8.19
N GLN D 220 66.18 -46.46 -8.60
CA GLN D 220 66.59 -45.09 -8.83
C GLN D 220 66.58 -44.30 -7.53
N GLN D 221 67.57 -43.43 -7.35
CA GLN D 221 67.64 -42.55 -6.20
C GLN D 221 66.70 -41.36 -6.38
N PRO D 222 65.86 -41.08 -5.37
CA PRO D 222 64.91 -39.97 -5.43
C PRO D 222 65.60 -38.62 -5.40
N SER D 223 65.09 -37.68 -6.20
CA SER D 223 65.65 -36.33 -6.25
C SER D 223 65.38 -35.56 -4.97
N LEU D 224 64.26 -35.87 -4.31
CA LEU D 224 63.92 -35.24 -3.04
C LEU D 224 63.17 -36.18 -2.09
N THR D 225 63.46 -36.05 -0.79
CA THR D 225 62.83 -36.87 0.23
C THR D 225 62.35 -36.02 1.40
N ARG D 226 61.06 -36.09 1.71
CA ARG D 226 60.50 -35.35 2.83
C ARG D 226 59.65 -36.23 3.75
N LEU D 227 59.62 -35.89 5.04
CA LEU D 227 58.81 -36.62 6.01
C LEU D 227 57.57 -35.79 6.37
N LYS D 228 56.40 -36.39 6.20
CA LYS D 228 55.16 -35.68 6.46
C LYS D 228 54.39 -36.26 7.66
N ASP D 229 54.14 -35.42 8.66
CA ASP D 229 53.32 -35.81 9.80
C ASP D 229 51.90 -35.30 9.62
N ARG D 230 51.00 -36.20 9.22
CA ARG D 230 49.63 -35.81 8.89
C ARG D 230 48.62 -36.07 10.01
N VAL D 231 47.94 -35.01 10.43
CA VAL D 231 46.86 -35.12 11.40
C VAL D 231 45.52 -34.81 10.72
N GLY D 232 44.72 -35.85 10.51
CA GLY D 232 43.50 -35.72 9.74
C GLY D 232 42.22 -35.57 10.55
N TYR D 233 41.30 -34.76 10.02
CA TYR D 233 39.97 -34.61 10.59
C TYR D 233 38.96 -34.76 9.45
N VAL D 234 37.85 -35.45 9.71
CA VAL D 234 36.81 -35.60 8.71
C VAL D 234 35.42 -35.28 9.27
N HIS D 235 34.68 -34.44 8.57
CA HIS D 235 33.30 -34.13 8.95
C HIS D 235 32.44 -33.95 7.71
N GLN D 236 31.41 -34.79 7.59
CA GLN D 236 30.53 -34.79 6.42
C GLN D 236 31.33 -34.92 5.12
N GLU D 237 32.34 -35.79 5.15
CA GLU D 237 33.23 -36.01 4.02
C GLU D 237 33.98 -34.76 3.57
N ILE D 238 34.16 -33.82 4.49
CA ILE D 238 35.06 -32.69 4.28
C ILE D 238 36.32 -32.94 5.09
N LYS D 239 37.44 -33.13 4.38
CA LYS D 239 38.69 -33.49 5.03
C LYS D 239 39.49 -32.26 5.45
N ILE D 240 39.98 -32.26 6.69
CA ILE D 240 40.80 -31.17 7.20
C ILE D 240 42.13 -31.72 7.73
N ASP D 241 43.19 -31.53 6.95
CA ASP D 241 44.49 -32.11 7.29
C ASP D 241 45.50 -31.08 7.79
N LEU D 242 46.07 -31.35 8.97
CA LEU D 242 47.18 -30.55 9.47
C LEU D 242 48.50 -31.27 9.20
N THR D 243 49.19 -30.85 8.15
CA THR D 243 50.42 -31.51 7.74
C THR D 243 51.67 -30.78 8.24
N LYS D 244 52.67 -31.55 8.60
CA LYS D 244 53.94 -31.02 9.07
C LYS D 244 55.03 -31.67 8.25
N THR D 245 55.79 -30.87 7.50
CA THR D 245 56.79 -31.42 6.58
C THR D 245 58.21 -30.99 6.92
N THR D 246 59.12 -31.96 6.92
CA THR D 246 60.53 -31.71 7.17
C THR D 246 61.36 -32.35 6.06
N GLN D 247 62.66 -32.03 6.05
CA GLN D 247 63.56 -32.56 5.02
C GLN D 247 64.49 -33.65 5.55
N THR D 255 64.52 -26.94 9.20
CA THR D 255 63.66 -26.69 8.04
C THR D 255 62.33 -27.43 8.17
N GLU D 256 61.37 -26.80 8.83
CA GLU D 256 60.08 -27.42 9.09
C GLU D 256 58.91 -26.60 8.54
N ARG D 257 57.95 -27.28 7.92
CA ARG D 257 56.86 -26.63 7.22
C ARG D 257 55.49 -26.98 7.83
N HIS D 258 54.69 -25.97 8.13
CA HIS D 258 53.37 -26.17 8.74
C HIS D 258 52.24 -25.74 7.81
N GLU D 259 51.36 -26.67 7.48
CA GLU D 259 50.26 -26.39 6.56
C GLU D 259 48.89 -26.87 7.07
N LEU D 260 47.83 -26.25 6.55
CA LEU D 260 46.46 -26.70 6.79
C LEU D 260 45.72 -26.71 5.47
N GLU D 261 45.17 -27.87 5.11
CA GLU D 261 44.40 -27.99 3.89
C GLU D 261 42.98 -28.48 4.17
N VAL D 262 42.04 -28.04 3.35
CA VAL D 262 40.66 -28.51 3.41
C VAL D 262 40.27 -29.03 2.03
N GLU D 263 39.78 -30.27 1.96
CA GLU D 263 39.38 -30.81 0.66
C GLU D 263 38.11 -31.66 0.68
N PHE D 264 37.47 -31.75 -0.49
CA PHE D 264 36.29 -32.58 -0.67
C PHE D 264 36.69 -34.04 -0.70
N GLY D 265 36.10 -34.84 0.18
CA GLY D 265 36.47 -36.25 0.31
C GLY D 265 35.68 -37.18 -0.60
N ASN D 266 34.65 -36.64 -1.23
CA ASN D 266 33.77 -37.45 -2.08
C ASN D 266 33.60 -36.83 -3.47
N ILE D 267 34.63 -36.95 -4.30
CA ILE D 267 34.63 -36.35 -5.63
C ILE D 267 33.49 -36.86 -6.51
N ALA D 268 33.15 -38.14 -6.36
CA ALA D 268 32.08 -38.74 -7.13
C ALA D 268 30.74 -38.06 -6.88
N ASP D 269 30.45 -37.79 -5.61
CA ASP D 269 29.19 -37.16 -5.23
C ASP D 269 29.20 -35.67 -5.59
N LEU D 270 30.40 -35.08 -5.59
CA LEU D 270 30.54 -33.66 -5.91
C LEU D 270 30.38 -33.41 -7.41
N ARG D 271 30.91 -34.32 -8.22
CA ARG D 271 30.76 -34.21 -9.67
C ARG D 271 29.30 -34.45 -10.06
N ASP D 272 28.63 -35.30 -9.28
CA ASP D 272 27.21 -35.56 -9.49
C ASP D 272 26.40 -34.28 -9.26
N ARG D 273 26.75 -33.56 -8.20
CA ARG D 273 26.10 -32.29 -7.90
C ARG D 273 26.44 -31.26 -8.97
N ALA D 274 27.66 -31.32 -9.48
CA ALA D 274 28.12 -30.38 -10.51
C ALA D 274 27.39 -30.59 -11.82
N GLN D 275 27.10 -31.84 -12.15
CA GLN D 275 26.37 -32.18 -13.37
C GLN D 275 24.95 -31.64 -13.33
N LYS D 276 24.29 -31.77 -12.17
CA LYS D 276 22.94 -31.28 -11.99
C LYS D 276 22.89 -29.75 -12.09
N ALA D 277 23.97 -29.10 -11.66
CA ALA D 277 24.06 -27.65 -11.74
C ALA D 277 24.16 -27.20 -13.19
N LYS D 278 24.82 -28.01 -14.01
CA LYS D 278 24.96 -27.70 -15.43
C LYS D 278 23.66 -28.00 -16.17
N ASP D 279 22.74 -28.69 -15.49
CA ASP D 279 21.48 -29.08 -16.10
C ASP D 279 20.30 -28.23 -15.60
N GLY D 280 20.57 -27.30 -14.69
CA GLY D 280 19.53 -26.40 -14.23
C GLY D 280 19.25 -26.47 -12.74
N MET D 281 19.54 -27.61 -12.13
CA MET D 281 19.31 -27.79 -10.70
C MET D 281 20.62 -27.65 -9.94
N GLU D 282 20.92 -26.43 -9.52
CA GLU D 282 22.21 -26.10 -8.93
C GLU D 282 22.17 -25.97 -7.41
N ALA D 283 21.05 -26.34 -6.82
CA ALA D 283 20.88 -26.25 -5.37
C ALA D 283 21.80 -27.17 -4.54
N PRO D 284 21.89 -28.47 -4.89
CA PRO D 284 22.78 -29.32 -4.10
C PRO D 284 24.26 -28.94 -4.20
N LEU D 285 24.66 -28.40 -5.34
CA LEU D 285 26.05 -27.97 -5.51
C LEU D 285 26.35 -26.75 -4.64
N PHE D 286 25.44 -25.79 -4.63
CA PHE D 286 25.57 -24.59 -3.80
C PHE D 286 25.69 -24.98 -2.34
N ARG D 287 24.82 -25.88 -1.89
CA ARG D 287 24.81 -26.36 -0.53
C ARG D 287 26.18 -26.96 -0.16
N ARG D 288 26.71 -27.78 -1.05
CA ARG D 288 27.98 -28.45 -0.82
C ARG D 288 29.15 -27.46 -0.79
N VAL D 289 29.17 -26.54 -1.74
CA VAL D 289 30.21 -25.52 -1.80
C VAL D 289 30.16 -24.62 -0.58
N GLN D 290 28.95 -24.22 -0.20
CA GLN D 290 28.72 -23.36 0.96
C GLN D 290 29.24 -24.01 2.23
N LEU D 291 29.01 -25.31 2.36
CA LEU D 291 29.51 -26.07 3.51
C LEU D 291 31.03 -26.01 3.55
N PHE D 292 31.64 -26.34 2.42
CA PHE D 292 33.09 -26.31 2.28
C PHE D 292 33.67 -24.96 2.66
N MET D 293 33.11 -23.89 2.11
CA MET D 293 33.63 -22.55 2.35
C MET D 293 33.45 -22.09 3.79
N ASP D 294 32.33 -22.47 4.41
CA ASP D 294 32.08 -22.09 5.79
C ASP D 294 33.08 -22.74 6.75
N ASN D 295 33.43 -24.00 6.48
CA ASN D 295 34.46 -24.68 7.24
C ASN D 295 35.80 -23.97 7.11
N VAL D 296 36.19 -23.70 5.87
CA VAL D 296 37.42 -22.98 5.56
C VAL D 296 37.44 -21.64 6.28
N ARG D 297 36.31 -20.95 6.27
CA ARG D 297 36.19 -19.64 6.92
C ARG D 297 36.36 -19.72 8.42
N ILE D 298 35.82 -20.78 9.04
CA ILE D 298 35.95 -20.94 10.49
C ILE D 298 37.40 -21.10 10.91
N LEU D 299 38.13 -21.95 10.19
CA LEU D 299 39.54 -22.21 10.47
C LEU D 299 40.38 -20.97 10.20
N ARG D 300 40.03 -20.24 9.15
CA ARG D 300 40.74 -19.03 8.76
C ARG D 300 40.69 -17.97 9.87
N ARG D 301 39.53 -17.87 10.53
CA ARG D 301 39.32 -16.85 11.56
C ARG D 301 39.97 -17.21 12.89
N GLU D 302 40.34 -18.47 13.05
CA GLU D 302 40.91 -18.93 14.31
C GLU D 302 42.38 -18.53 14.42
N HIS D 303 42.66 -17.56 15.28
CA HIS D 303 44.02 -17.07 15.48
C HIS D 303 44.12 -16.37 16.84
N SER D 304 45.32 -16.37 17.42
CA SER D 304 45.55 -15.77 18.72
C SER D 304 45.39 -14.24 18.70
N ARG E 9 -41.15 13.04 16.31
CA ARG E 9 -40.01 13.23 17.20
C ARG E 9 -38.72 13.45 16.41
N THR E 10 -37.75 14.10 17.06
CA THR E 10 -36.45 14.33 16.45
C THR E 10 -35.35 14.27 17.49
N PRO E 11 -34.21 13.66 17.14
CA PRO E 11 -33.06 13.62 18.05
C PRO E 11 -32.57 15.02 18.38
N ALA E 12 -31.81 15.15 19.47
CA ALA E 12 -31.36 16.46 19.93
C ALA E 12 -30.45 17.17 18.92
N TRP E 13 -29.59 16.39 18.26
CA TRP E 13 -28.57 16.96 17.39
C TRP E 13 -29.10 17.41 16.03
N ASN E 14 -30.37 17.18 15.76
CA ASN E 14 -30.95 17.55 14.47
C ASN E 14 -32.12 18.52 14.61
N ARG F 9 -41.27 -6.21 -4.44
CA ARG F 9 -42.28 -5.22 -4.75
C ARG F 9 -41.65 -3.88 -5.16
N THR F 10 -41.43 -3.72 -6.46
CA THR F 10 -40.89 -2.48 -7.00
C THR F 10 -41.60 -2.16 -8.31
N PRO F 11 -41.85 -0.87 -8.58
CA PRO F 11 -42.53 -0.48 -9.82
C PRO F 11 -41.79 -0.96 -11.07
N ALA F 12 -42.53 -1.12 -12.16
CA ALA F 12 -41.97 -1.65 -13.40
C ALA F 12 -40.81 -0.79 -13.91
N TRP F 13 -40.93 0.51 -13.74
CA TRP F 13 -39.94 1.45 -14.29
C TRP F 13 -38.64 1.53 -13.50
N ASN F 14 -38.47 0.62 -12.54
CA ASN F 14 -37.25 0.62 -11.74
C ASN F 14 -36.64 -0.78 -11.62
N ARG G 9 47.00 0.64 7.04
CA ARG G 9 45.97 1.63 6.76
C ARG G 9 44.57 1.03 6.88
N THR G 10 43.93 1.26 8.01
CA THR G 10 42.59 0.75 8.23
C THR G 10 41.74 1.78 8.99
N PRO G 11 40.45 1.91 8.60
CA PRO G 11 39.55 2.84 9.29
C PRO G 11 39.36 2.48 10.75
N ALA G 12 39.20 3.51 11.58
CA ALA G 12 39.10 3.33 13.03
C ALA G 12 38.02 2.34 13.45
N TRP G 13 36.87 2.39 12.78
CA TRP G 13 35.75 1.53 13.13
C TRP G 13 35.95 0.06 12.76
N ASN G 14 37.20 -0.38 12.68
CA ASN G 14 37.51 -1.75 12.30
C ASN G 14 38.89 -2.21 12.80
N ARG H 9 37.31 -8.27 -18.89
CA ARG H 9 38.24 -9.33 -18.56
C ARG H 9 37.66 -10.27 -17.50
N THR H 10 37.19 -11.43 -17.94
CA THR H 10 36.62 -12.43 -17.05
C THR H 10 36.86 -13.83 -17.60
N PRO H 11 37.16 -14.80 -16.71
CA PRO H 11 37.41 -16.17 -17.16
C PRO H 11 36.17 -16.78 -17.83
N ALA H 12 36.38 -17.83 -18.61
CA ALA H 12 35.29 -18.45 -19.37
C ALA H 12 34.19 -19.00 -18.49
N TRP H 13 34.57 -19.66 -17.39
CA TRP H 13 33.60 -20.35 -16.54
C TRP H 13 32.68 -19.42 -15.74
N ASN H 14 32.92 -18.13 -15.82
CA ASN H 14 32.08 -17.17 -15.11
C ASN H 14 31.58 -16.04 -16.00
C FMT I . -11.30 13.35 8.61
O1 FMT I . -11.42 14.47 8.12
O2 FMT I . -10.55 12.48 8.16
C FMT J . -31.74 16.47 -1.00
O1 FMT J . -30.53 16.26 -1.02
O2 FMT J . -32.26 17.51 -0.59
C1 EDO K . -20.64 -16.53 8.54
O1 EDO K . -19.35 -16.34 7.95
C2 EDO K . -20.51 -16.84 10.02
O2 EDO K . -20.17 -15.64 10.74
C FMT L . -35.97 19.81 -19.90
O1 FMT L . -36.36 20.95 -19.63
O2 FMT L . -34.80 19.51 -20.12
C1 EDO M . -48.17 6.33 -3.73
O1 EDO M . -47.44 6.78 -4.88
C2 EDO M . -47.26 6.30 -2.51
O2 EDO M . -48.03 6.07 -1.33
C FMT N . 16.19 -0.66 11.36
O1 FMT N . 16.40 -1.69 12.01
O2 FMT N . 15.17 -0.46 10.68
C FMT O . 33.05 -14.81 4.46
O1 FMT O . 32.01 -14.36 4.91
O2 FMT O . 34.12 -14.81 5.06
C FMT P . 32.35 -33.61 -2.01
O1 FMT P . 31.25 -33.12 -2.23
O2 FMT P . 32.81 -33.80 -0.87
#